data_3L0G
#
_entry.id   3L0G
#
_cell.length_a   60.530
_cell.length_b   77.320
_cell.length_c   78.320
_cell.angle_alpha   113.01
_cell.angle_beta   91.82
_cell.angle_gamma   111.68
#
_symmetry.space_group_name_H-M   'P 1'
#
loop_
_entity.id
_entity.type
_entity.pdbx_description
1 polymer 'Nicotinate-nucleotide pyrophosphorylase'
2 non-polymer 1,2-ETHANEDIOL
3 non-polymer 'FORMIC ACID'
4 water water
#
_entity_poly.entity_id   1
_entity_poly.type   'polypeptide(L)'
_entity_poly.pdbx_seq_one_letter_code
;MAHHHHHHMGTLEAQTQGPGSMKISFSEIIHNALKEDLGDKGDITTNSILINEKVNFAINTRENLVVCGIPILEEVFNMN
KEHVKYEIHKKDGDITGKNSTLVSGEALAIYLLPIERVILNFIQHASGIASITRQFVDEVSGTKVKIRSTRKTTPGLRML
DKYSVCIGGGESYRDNLCDGVLIKDNHIASCGSITLAIQRLRKNLKNEYIAIECDNISQVEESLSNNVDMILLDNMSISE
IKKAVDIVNGKSVLEVSGCVNIRNVRNIALTGVDYISIGCITNSFQNKDIGLDIEYNNNK
;
_entity_poly.pdbx_strand_id   A,B,C,D
#
loop_
_chem_comp.id
_chem_comp.type
_chem_comp.name
_chem_comp.formula
EDO non-polymer 1,2-ETHANEDIOL 'C2 H6 O2'
FMT non-polymer 'FORMIC ACID' 'C H2 O2'
#
# COMPACT_ATOMS: atom_id res chain seq x y z
N ILE A 24 -14.99 -6.17 -14.68
CA ILE A 24 -13.96 -6.50 -13.64
C ILE A 24 -12.79 -5.55 -13.80
N SER A 25 -12.40 -4.85 -12.75
CA SER A 25 -11.30 -3.91 -12.86
C SER A 25 -9.94 -4.59 -12.57
N PHE A 26 -8.94 -4.32 -13.41
CA PHE A 26 -7.57 -4.83 -13.20
C PHE A 26 -6.62 -3.67 -12.89
N SER A 27 -7.17 -2.48 -12.65
CA SER A 27 -6.31 -1.31 -12.53
C SER A 27 -5.36 -1.38 -11.34
N GLU A 28 -5.84 -1.78 -10.18
CA GLU A 28 -5.05 -1.85 -8.96
CA GLU A 28 -5.00 -1.80 -8.99
C GLU A 28 -3.96 -2.91 -9.07
N ILE A 29 -4.33 -4.11 -9.52
CA ILE A 29 -3.32 -5.18 -9.69
C ILE A 29 -2.22 -4.77 -10.69
N ILE A 30 -2.58 -4.05 -11.75
CA ILE A 30 -1.59 -3.52 -12.69
C ILE A 30 -0.65 -2.57 -11.99
N HIS A 31 -1.23 -1.65 -11.23
CA HIS A 31 -0.47 -0.67 -10.51
C HIS A 31 0.54 -1.29 -9.54
N ASN A 32 0.14 -2.34 -8.86
CA ASN A 32 0.97 -2.94 -7.85
C ASN A 32 2.11 -3.75 -8.47
N ALA A 33 1.84 -4.40 -9.60
CA ALA A 33 2.87 -5.08 -10.40
C ALA A 33 3.88 -4.10 -11.02
N LEU A 34 3.42 -2.99 -11.57
CA LEU A 34 4.35 -1.98 -12.09
C LEU A 34 5.21 -1.41 -10.98
N LYS A 35 4.56 -1.07 -9.88
CA LYS A 35 5.23 -0.51 -8.70
C LYS A 35 6.35 -1.44 -8.18
N GLU A 36 6.05 -2.73 -7.97
CA GLU A 36 7.06 -3.62 -7.40
C GLU A 36 8.26 -3.77 -8.33
N ASP A 37 8.06 -3.60 -9.66
CA ASP A 37 9.14 -3.83 -10.62
C ASP A 37 9.91 -2.57 -11.02
N LEU A 38 9.25 -1.41 -10.96
CA LEU A 38 9.85 -0.15 -11.45
C LEU A 38 10.12 0.89 -10.37
N GLY A 39 9.50 0.71 -9.21
CA GLY A 39 9.69 1.60 -8.07
C GLY A 39 9.72 3.07 -8.43
N ASP A 40 10.72 3.76 -7.88
CA ASP A 40 10.94 5.19 -8.06
C ASP A 40 12.01 5.49 -9.11
N LYS A 41 13.09 4.69 -9.13
CA LYS A 41 14.20 4.92 -10.07
C LYS A 41 13.89 4.48 -11.51
N GLY A 42 12.83 3.71 -11.73
CA GLY A 42 12.56 3.17 -13.05
C GLY A 42 13.57 2.11 -13.49
N ASP A 43 13.59 1.85 -14.79
CA ASP A 43 14.40 0.75 -15.37
C ASP A 43 15.80 1.25 -15.74
N ILE A 44 16.77 1.08 -14.85
CA ILE A 44 18.06 1.73 -15.03
C ILE A 44 18.88 1.18 -16.21
N THR A 45 18.61 -0.06 -16.58
CA THR A 45 19.30 -0.66 -17.71
C THR A 45 18.78 -0.03 -19.00
N THR A 46 17.48 -0.02 -19.18
CA THR A 46 16.86 0.48 -20.40
C THR A 46 17.16 1.95 -20.58
N ASN A 47 16.96 2.73 -19.51
CA ASN A 47 17.18 4.18 -19.55
C ASN A 47 18.63 4.57 -19.79
N SER A 48 19.56 3.65 -19.53
CA SER A 48 20.98 3.92 -19.71
C SER A 48 21.49 3.51 -21.09
N ILE A 49 20.68 2.77 -21.86
CA ILE A 49 21.12 2.28 -23.16
C ILE A 49 20.36 2.90 -24.34
N LEU A 50 19.09 3.24 -24.15
CA LEU A 50 18.20 3.57 -25.26
C LEU A 50 17.64 4.98 -25.15
N ILE A 51 17.29 5.58 -26.28
CA ILE A 51 16.64 6.89 -26.28
C ILE A 51 15.42 6.93 -27.21
N ASN A 52 15.64 7.08 -28.51
CA ASN A 52 14.53 7.19 -29.48
C ASN A 52 14.36 5.97 -30.40
N GLU A 53 15.11 4.89 -30.15
CA GLU A 53 14.95 3.68 -30.94
C GLU A 53 13.51 3.18 -30.89
N LYS A 54 12.98 2.86 -32.07
CA LYS A 54 11.66 2.31 -32.25
C LYS A 54 11.81 0.86 -32.70
N VAL A 55 10.95 -0.01 -32.18
CA VAL A 55 11.08 -1.44 -32.44
C VAL A 55 9.74 -2.04 -32.88
N ASN A 56 9.77 -3.03 -33.78
CA ASN A 56 8.61 -3.85 -34.05
C ASN A 56 8.59 -4.96 -33.01
N PHE A 57 7.42 -5.31 -32.48
CA PHE A 57 7.38 -6.38 -31.48
C PHE A 57 6.20 -7.32 -31.69
N ALA A 58 6.32 -8.51 -31.11
CA ALA A 58 5.28 -9.51 -31.11
C ALA A 58 5.31 -10.25 -29.76
N ILE A 59 4.13 -10.43 -29.14
CA ILE A 59 3.91 -11.26 -27.95
C ILE A 59 3.51 -12.63 -28.49
N ASN A 60 4.46 -13.58 -28.45
CA ASN A 60 4.32 -14.88 -29.11
C ASN A 60 4.23 -16.04 -28.13
N THR A 61 3.30 -16.97 -28.38
CA THR A 61 3.20 -18.17 -27.57
C THR A 61 4.36 -19.12 -27.90
N ARG A 62 4.95 -19.69 -26.86
CA ARG A 62 5.91 -20.78 -27.00
C ARG A 62 5.25 -22.15 -26.82
N GLU A 63 3.93 -22.21 -26.64
CA GLU A 63 3.22 -23.48 -26.52
C GLU A 63 1.72 -23.30 -26.75
N ASN A 64 1.01 -24.42 -26.89
CA ASN A 64 -0.43 -24.41 -27.03
C ASN A 64 -1.06 -23.78 -25.80
N LEU A 65 -2.09 -22.97 -26.01
CA LEU A 65 -2.81 -22.44 -24.86
C LEU A 65 -4.16 -21.86 -25.18
N VAL A 66 -4.92 -21.65 -24.09
CA VAL A 66 -6.07 -20.77 -24.03
C VAL A 66 -5.60 -19.39 -23.63
N VAL A 67 -5.82 -18.42 -24.51
CA VAL A 67 -5.37 -17.08 -24.28
C VAL A 67 -6.17 -16.44 -23.16
N CYS A 68 -5.47 -15.76 -22.26
CA CYS A 68 -6.15 -15.04 -21.17
C CYS A 68 -5.25 -13.91 -20.63
N GLY A 69 -5.86 -12.77 -20.31
CA GLY A 69 -5.10 -11.63 -19.83
C GLY A 69 -4.93 -10.54 -20.90
N ILE A 70 -5.45 -10.72 -22.09
CA ILE A 70 -5.34 -9.66 -23.13
C ILE A 70 -5.85 -8.29 -22.66
N PRO A 71 -6.98 -8.23 -21.93
CA PRO A 71 -7.43 -6.93 -21.42
C PRO A 71 -6.45 -6.20 -20.45
N ILE A 72 -5.59 -6.94 -19.75
CA ILE A 72 -4.53 -6.35 -18.95
C ILE A 72 -3.46 -5.71 -19.84
N LEU A 73 -2.99 -6.45 -20.86
CA LEU A 73 -2.08 -5.93 -21.85
C LEU A 73 -2.65 -4.65 -22.49
N GLU A 74 -3.91 -4.70 -22.90
CA GLU A 74 -4.52 -3.52 -23.50
C GLU A 74 -4.50 -2.32 -22.52
N GLU A 75 -4.86 -2.54 -21.27
CA GLU A 75 -4.91 -1.41 -20.32
C GLU A 75 -3.51 -0.85 -20.05
N VAL A 76 -2.50 -1.70 -19.91
CA VAL A 76 -1.13 -1.21 -19.79
C VAL A 76 -0.69 -0.40 -21.01
N PHE A 77 -0.85 -0.96 -22.22
CA PHE A 77 -0.42 -0.24 -23.42
C PHE A 77 -1.16 1.07 -23.58
N ASN A 78 -2.45 1.06 -23.25
CA ASN A 78 -3.25 2.26 -23.35
C ASN A 78 -2.84 3.37 -22.35
N MET A 79 -2.02 3.06 -21.35
CA MET A 79 -1.42 4.10 -20.52
C MET A 79 -0.40 4.95 -21.35
N ASN A 80 0.34 4.29 -22.25
CA ASN A 80 1.43 4.88 -23.06
C ASN A 80 0.96 4.99 -24.52
N LYS A 81 -0.22 5.53 -24.80
CA LYS A 81 -0.76 5.52 -26.18
C LYS A 81 0.12 6.21 -27.24
N GLU A 82 0.77 7.31 -26.85
CA GLU A 82 1.70 8.01 -27.72
C GLU A 82 2.94 7.17 -28.07
N HIS A 83 3.28 6.18 -27.24
CA HIS A 83 4.54 5.47 -27.41
C HIS A 83 4.43 4.02 -27.89
N VAL A 84 3.20 3.50 -27.93
CA VAL A 84 2.97 2.12 -28.35
C VAL A 84 1.76 2.05 -29.27
N LYS A 85 1.93 1.45 -30.44
CA LYS A 85 0.81 1.16 -31.34
C LYS A 85 0.73 -0.35 -31.45
N TYR A 86 -0.48 -0.92 -31.38
CA TYR A 86 -0.61 -2.37 -31.35
C TYR A 86 -1.88 -2.91 -32.05
N GLU A 87 -1.80 -4.17 -32.46
CA GLU A 87 -2.91 -4.91 -33.06
C GLU A 87 -3.20 -6.18 -32.28
N ILE A 88 -4.45 -6.43 -31.95
CA ILE A 88 -4.84 -7.63 -31.24
C ILE A 88 -5.17 -8.73 -32.28
N HIS A 89 -4.43 -9.84 -32.25
CA HIS A 89 -4.70 -11.01 -33.14
C HIS A 89 -5.51 -12.10 -32.42
N LYS A 90 -5.46 -12.18 -31.09
CA LYS A 90 -6.19 -13.20 -30.35
C LYS A 90 -6.79 -12.55 -29.13
N LYS A 91 -8.02 -12.93 -28.84
CA LYS A 91 -8.75 -12.46 -27.65
C LYS A 91 -8.83 -13.59 -26.62
N ASP A 92 -9.13 -13.21 -25.37
CA ASP A 92 -9.30 -14.14 -24.29
C ASP A 92 -10.32 -15.23 -24.61
N GLY A 93 -9.93 -16.47 -24.39
CA GLY A 93 -10.77 -17.64 -24.71
C GLY A 93 -10.42 -18.32 -26.01
N ASP A 94 -9.60 -17.67 -26.84
CA ASP A 94 -9.15 -18.25 -28.10
C ASP A 94 -8.18 -19.38 -27.73
N ILE A 95 -8.35 -20.50 -28.41
CA ILE A 95 -7.47 -21.64 -28.23
C ILE A 95 -6.46 -21.51 -29.36
N THR A 96 -5.17 -21.46 -29.01
CA THR A 96 -4.21 -21.30 -30.05
C THR A 96 -3.01 -22.23 -29.92
N GLY A 97 -2.27 -22.36 -31.02
CA GLY A 97 -1.12 -23.24 -31.06
C GLY A 97 0.20 -22.58 -30.72
N LYS A 98 1.21 -23.42 -30.53
CA LYS A 98 2.60 -22.98 -30.41
C LYS A 98 2.94 -22.03 -31.54
N ASN A 99 3.77 -21.03 -31.25
CA ASN A 99 4.24 -20.04 -32.24
C ASN A 99 3.11 -19.19 -32.88
N SER A 100 2.24 -18.69 -32.03
CA SER A 100 1.13 -17.87 -32.43
C SER A 100 1.34 -16.47 -31.82
N THR A 101 1.25 -15.46 -32.68
CA THR A 101 1.37 -14.08 -32.30
C THR A 101 0.03 -13.63 -31.71
N LEU A 102 0.01 -13.25 -30.42
CA LEU A 102 -1.20 -12.78 -29.78
C LEU A 102 -1.43 -11.28 -30.05
N VAL A 103 -0.37 -10.50 -29.99
CA VAL A 103 -0.40 -9.06 -30.21
C VAL A 103 0.89 -8.69 -30.92
N SER A 104 0.81 -7.75 -31.85
CA SER A 104 2.02 -7.24 -32.45
C SER A 104 1.91 -5.74 -32.55
N GLY A 105 3.04 -5.11 -32.85
CA GLY A 105 3.04 -3.70 -33.13
C GLY A 105 4.39 -3.03 -33.15
N GLU A 106 4.38 -1.74 -32.84
CA GLU A 106 5.56 -0.92 -32.89
C GLU A 106 5.54 -0.07 -31.62
N ALA A 107 6.68 0.17 -31.03
CA ALA A 107 6.76 0.95 -29.80
C ALA A 107 8.09 1.66 -29.71
N LEU A 108 8.16 2.70 -28.90
CA LEU A 108 9.44 3.31 -28.52
C LEU A 108 10.03 2.33 -27.50
N ALA A 109 11.25 1.86 -27.75
CA ALA A 109 11.84 0.80 -26.92
C ALA A 109 11.90 1.17 -25.44
N ILE A 110 12.20 2.43 -25.17
CA ILE A 110 12.37 2.94 -23.81
C ILE A 110 11.08 2.87 -22.99
N TYR A 111 9.93 2.83 -23.67
CA TYR A 111 8.64 2.64 -23.00
C TYR A 111 8.18 1.16 -22.96
N LEU A 112 8.62 0.35 -23.93
CA LEU A 112 8.17 -1.04 -24.04
C LEU A 112 8.94 -1.99 -23.12
N LEU A 113 10.27 -1.90 -23.16
CA LEU A 113 11.09 -2.83 -22.40
C LEU A 113 10.85 -2.82 -20.89
N PRO A 114 10.58 -1.66 -20.27
CA PRO A 114 10.32 -1.62 -18.80
C PRO A 114 9.03 -2.29 -18.30
N ILE A 115 8.07 -2.52 -19.19
CA ILE A 115 6.80 -3.14 -18.84
C ILE A 115 6.67 -4.55 -19.41
N GLU A 116 7.71 -5.02 -20.11
CA GLU A 116 7.73 -6.35 -20.75
C GLU A 116 7.42 -7.43 -19.72
N ARG A 117 8.15 -7.41 -18.59
CA ARG A 117 8.04 -8.48 -17.63
C ARG A 117 6.70 -8.47 -16.90
N VAL A 118 6.21 -7.28 -16.56
CA VAL A 118 4.89 -7.17 -15.96
C VAL A 118 3.80 -7.71 -16.89
N ILE A 119 3.86 -7.32 -18.16
CA ILE A 119 2.81 -7.76 -19.10
C ILE A 119 2.87 -9.25 -19.32
N LEU A 120 4.09 -9.78 -19.52
CA LEU A 120 4.28 -11.20 -19.72
C LEU A 120 3.84 -12.00 -18.49
N ASN A 121 4.20 -11.59 -17.27
CA ASN A 121 3.83 -12.40 -16.07
C ASN A 121 2.29 -12.49 -15.95
N PHE A 122 1.59 -11.42 -16.29
CA PHE A 122 0.12 -11.40 -16.15
C PHE A 122 -0.50 -12.38 -17.14
N ILE A 123 -0.10 -12.32 -18.40
CA ILE A 123 -0.72 -13.19 -19.41
CA ILE A 123 -0.67 -13.17 -19.46
C ILE A 123 -0.27 -14.63 -19.27
N GLN A 124 0.97 -14.88 -18.83
CA GLN A 124 1.39 -16.24 -18.55
C GLN A 124 0.63 -16.88 -17.39
N HIS A 125 0.40 -16.11 -16.33
CA HIS A 125 -0.38 -16.59 -15.18
C HIS A 125 -1.85 -16.88 -15.59
N ALA A 126 -2.44 -15.90 -16.24
CA ALA A 126 -3.84 -15.94 -16.60
C ALA A 126 -4.05 -17.05 -17.65
N SER A 127 -3.14 -17.15 -18.62
CA SER A 127 -3.26 -18.24 -19.62
C SER A 127 -3.07 -19.60 -18.96
N GLY A 128 -2.23 -19.65 -17.95
CA GLY A 128 -2.01 -20.89 -17.21
C GLY A 128 -3.33 -21.37 -16.64
N ILE A 129 -4.01 -20.49 -15.90
CA ILE A 129 -5.25 -20.86 -15.26
C ILE A 129 -6.34 -21.25 -16.29
N ALA A 130 -6.49 -20.47 -17.35
CA ALA A 130 -7.54 -20.71 -18.35
C ALA A 130 -7.31 -22.04 -19.06
N SER A 131 -6.04 -22.34 -19.37
CA SER A 131 -5.63 -23.58 -20.07
C SER A 131 -5.88 -24.85 -19.26
N ILE A 132 -5.47 -24.87 -18.00
CA ILE A 132 -5.73 -26.04 -17.15
C ILE A 132 -7.25 -26.19 -16.86
N THR A 133 -7.95 -25.08 -16.60
CA THR A 133 -9.40 -25.10 -16.46
C THR A 133 -10.05 -25.76 -17.67
N ARG A 134 -9.74 -25.27 -18.86
CA ARG A 134 -10.25 -25.85 -20.11
C ARG A 134 -9.97 -27.36 -20.26
N GLN A 135 -8.80 -27.84 -19.81
CA GLN A 135 -8.52 -29.27 -19.83
C GLN A 135 -9.58 -30.05 -19.04
N PHE A 136 -9.94 -29.54 -17.86
CA PHE A 136 -10.91 -30.22 -17.00
C PHE A 136 -12.29 -30.12 -17.61
N VAL A 137 -12.61 -28.94 -18.16
CA VAL A 137 -13.90 -28.74 -18.85
C VAL A 137 -14.06 -29.70 -20.03
N ASP A 138 -13.00 -29.90 -20.78
CA ASP A 138 -13.07 -30.80 -21.93
C ASP A 138 -13.27 -32.21 -21.46
N GLU A 139 -12.66 -32.55 -20.33
CA GLU A 139 -12.77 -33.90 -19.80
C GLU A 139 -14.16 -34.26 -19.23
N VAL A 140 -15.00 -33.28 -18.86
CA VAL A 140 -16.36 -33.56 -18.34
C VAL A 140 -17.46 -33.26 -19.38
N SER A 141 -17.02 -33.00 -20.61
CA SER A 141 -17.88 -32.74 -21.78
C SER A 141 -18.93 -33.83 -22.02
N GLY A 142 -20.15 -33.42 -22.29
CA GLY A 142 -21.24 -34.37 -22.43
C GLY A 142 -21.84 -34.80 -21.10
N THR A 143 -21.29 -34.33 -19.97
CA THR A 143 -22.01 -34.41 -18.69
C THR A 143 -22.58 -33.02 -18.43
N LYS A 144 -23.46 -32.91 -17.44
CA LYS A 144 -24.10 -31.63 -17.13
C LYS A 144 -23.22 -30.76 -16.22
N VAL A 145 -22.05 -31.28 -15.80
CA VAL A 145 -21.20 -30.67 -14.76
C VAL A 145 -20.51 -29.40 -15.22
N LYS A 146 -20.44 -28.42 -14.31
CA LYS A 146 -19.65 -27.24 -14.52
C LYS A 146 -18.50 -27.28 -13.52
N ILE A 147 -17.32 -26.93 -14.02
CA ILE A 147 -16.13 -26.78 -13.20
C ILE A 147 -16.14 -25.42 -12.53
N ARG A 148 -15.96 -25.41 -11.22
CA ARG A 148 -15.81 -24.18 -10.49
C ARG A 148 -14.49 -23.94 -9.83
N SER A 149 -14.20 -22.66 -9.68
CA SER A 149 -13.11 -22.15 -8.90
C SER A 149 -13.42 -22.20 -7.42
N THR A 150 -12.40 -22.01 -6.62
CA THR A 150 -12.58 -21.95 -5.22
C THR A 150 -12.00 -20.62 -4.73
N ARG A 151 -11.76 -20.49 -3.43
CA ARG A 151 -11.05 -19.34 -2.90
C ARG A 151 -9.57 -19.61 -2.59
N LYS A 152 -9.05 -20.77 -3.02
CA LYS A 152 -7.64 -21.06 -2.91
C LYS A 152 -6.97 -20.50 -4.15
N THR A 153 -6.97 -19.18 -4.23
CA THR A 153 -6.38 -18.41 -5.31
C THR A 153 -5.05 -17.77 -4.85
N THR A 154 -4.31 -17.19 -5.78
CA THR A 154 -3.08 -16.49 -5.48
C THR A 154 -3.39 -15.18 -4.72
N PRO A 155 -2.74 -14.96 -3.56
CA PRO A 155 -3.06 -13.76 -2.81
C PRO A 155 -2.94 -12.49 -3.67
N GLY A 156 -3.97 -11.65 -3.62
CA GLY A 156 -4.03 -10.37 -4.39
C GLY A 156 -4.57 -10.47 -5.83
N LEU A 157 -4.72 -11.71 -6.29
CA LEU A 157 -5.21 -12.02 -7.62
C LEU A 157 -6.52 -12.84 -7.61
N ARG A 158 -7.30 -12.72 -6.55
CA ARG A 158 -8.60 -13.42 -6.49
C ARG A 158 -9.41 -13.25 -7.75
N MET A 159 -9.61 -11.99 -8.19
CA MET A 159 -10.48 -11.70 -9.32
C MET A 159 -9.87 -12.08 -10.67
N LEU A 160 -8.57 -11.84 -10.85
CA LEU A 160 -7.90 -12.33 -12.06
C LEU A 160 -7.99 -13.88 -12.19
N ASP A 161 -7.75 -14.58 -11.08
CA ASP A 161 -7.81 -16.02 -11.06
C ASP A 161 -9.21 -16.53 -11.35
N LYS A 162 -10.23 -15.98 -10.70
CA LYS A 162 -11.61 -16.38 -11.01
C LYS A 162 -12.06 -15.99 -12.46
N TYR A 163 -11.66 -14.83 -12.93
CA TYR A 163 -11.89 -14.46 -14.32
C TYR A 163 -11.26 -15.49 -15.31
N SER A 164 -10.01 -15.87 -15.07
CA SER A 164 -9.30 -16.80 -15.90
C SER A 164 -9.96 -18.17 -15.90
N VAL A 165 -10.44 -18.62 -14.75
CA VAL A 165 -11.23 -19.84 -14.73
C VAL A 165 -12.47 -19.70 -15.63
N CYS A 166 -13.18 -18.57 -15.53
CA CYS A 166 -14.36 -18.37 -16.41
C CYS A 166 -13.98 -18.39 -17.90
N ILE A 167 -12.87 -17.73 -18.25
CA ILE A 167 -12.43 -17.72 -19.62
C ILE A 167 -12.09 -19.13 -20.11
N GLY A 168 -11.52 -19.95 -19.24
CA GLY A 168 -11.31 -21.37 -19.58
C GLY A 168 -12.52 -22.29 -19.61
N GLY A 169 -13.72 -21.74 -19.35
CA GLY A 169 -14.99 -22.45 -19.47
C GLY A 169 -15.61 -22.86 -18.13
N GLY A 170 -15.04 -22.34 -17.05
CA GLY A 170 -15.52 -22.62 -15.70
C GLY A 170 -16.46 -21.56 -15.18
N GLU A 171 -16.80 -21.67 -13.92
CA GLU A 171 -17.76 -20.79 -13.24
C GLU A 171 -17.30 -20.51 -11.81
N SER A 172 -18.03 -19.65 -11.10
CA SER A 172 -17.71 -19.32 -9.74
C SER A 172 -18.99 -19.18 -8.89
N TYR A 173 -19.03 -19.84 -7.73
CA TYR A 173 -20.12 -19.69 -6.80
C TYR A 173 -20.14 -18.27 -6.20
N ARG A 174 -18.99 -17.77 -5.77
CA ARG A 174 -18.92 -16.41 -5.17
C ARG A 174 -17.53 -15.84 -5.37
N ASP A 175 -17.40 -14.52 -5.31
CA ASP A 175 -16.11 -13.86 -5.48
C ASP A 175 -15.35 -13.93 -4.17
N ASN A 176 -16.05 -13.89 -3.05
CA ASN A 176 -15.36 -13.81 -1.77
C ASN A 176 -16.34 -14.09 -0.61
N LEU A 177 -15.94 -13.77 0.61
CA LEU A 177 -16.78 -14.07 1.79
C LEU A 177 -17.99 -13.15 1.96
N CYS A 178 -18.05 -12.07 1.17
CA CYS A 178 -19.17 -11.10 1.16
C CYS A 178 -20.38 -11.43 0.27
N ASP A 179 -20.18 -12.15 -0.82
CA ASP A 179 -21.24 -12.24 -1.84
C ASP A 179 -21.82 -13.63 -1.95
N GLY A 180 -21.58 -14.47 -0.94
CA GLY A 180 -22.36 -15.69 -0.83
C GLY A 180 -22.08 -16.42 0.46
N VAL A 181 -23.03 -17.28 0.82
CA VAL A 181 -22.98 -18.04 2.06
C VAL A 181 -22.40 -19.42 1.78
N LEU A 182 -21.43 -19.83 2.59
CA LEU A 182 -20.93 -21.20 2.55
C LEU A 182 -20.54 -21.63 3.94
N ILE A 183 -21.37 -22.49 4.52
CA ILE A 183 -21.15 -23.01 5.88
C ILE A 183 -20.08 -24.09 5.75
N LYS A 184 -18.98 -23.90 6.47
CA LYS A 184 -17.83 -24.76 6.39
C LYS A 184 -17.71 -25.64 7.62
N ASP A 185 -16.86 -26.65 7.46
CA ASP A 185 -16.45 -27.53 8.55
C ASP A 185 -16.19 -26.77 9.84
N ASN A 186 -15.48 -25.65 9.73
CA ASN A 186 -15.06 -24.91 10.93
C ASN A 186 -16.18 -24.11 11.57
N HIS A 187 -17.21 -23.71 10.81
CA HIS A 187 -18.41 -23.11 11.38
C HIS A 187 -19.18 -24.14 12.21
N ILE A 188 -19.26 -25.36 11.69
CA ILE A 188 -19.92 -26.48 12.35
C ILE A 188 -19.13 -26.86 13.62
N ALA A 189 -17.83 -27.03 13.50
CA ALA A 189 -17.00 -27.28 14.69
C ALA A 189 -17.11 -26.17 15.76
N SER A 190 -17.17 -24.92 15.32
CA SER A 190 -17.21 -23.79 16.25
C SER A 190 -18.57 -23.64 16.96
N CYS A 191 -19.69 -23.82 16.26
CA CYS A 191 -21.00 -23.66 16.92
C CYS A 191 -21.67 -24.94 17.39
N GLY A 192 -21.23 -26.10 16.92
CA GLY A 192 -21.66 -27.37 17.47
C GLY A 192 -22.60 -28.22 16.61
N SER A 193 -23.37 -27.60 15.71
CA SER A 193 -24.23 -28.37 14.83
C SER A 193 -24.57 -27.64 13.54
N ILE A 194 -24.87 -28.42 12.51
CA ILE A 194 -25.35 -27.93 11.22
C ILE A 194 -26.68 -27.22 11.44
N THR A 195 -27.60 -27.88 12.16
CA THR A 195 -28.95 -27.33 12.40
C THR A 195 -28.94 -25.96 13.05
N LEU A 196 -28.13 -25.81 14.11
CA LEU A 196 -27.93 -24.55 14.79
C LEU A 196 -27.32 -23.49 13.86
N ALA A 197 -26.30 -23.86 13.09
CA ALA A 197 -25.63 -22.89 12.23
C ALA A 197 -26.63 -22.34 11.20
N ILE A 198 -27.39 -23.22 10.57
CA ILE A 198 -28.39 -22.82 9.59
C ILE A 198 -29.51 -21.95 10.21
N GLN A 199 -29.95 -22.35 11.38
CA GLN A 199 -30.99 -21.64 12.13
C GLN A 199 -30.55 -20.21 12.44
N ARG A 200 -29.32 -20.05 12.93
CA ARG A 200 -28.80 -18.70 13.18
C ARG A 200 -28.69 -17.87 11.91
N LEU A 201 -28.16 -18.47 10.86
CA LEU A 201 -27.98 -17.76 9.62
C LEU A 201 -29.31 -17.28 9.01
N ARG A 202 -30.32 -18.16 9.03
CA ARG A 202 -31.64 -17.77 8.51
C ARG A 202 -32.34 -16.64 9.26
N LYS A 203 -32.10 -16.54 10.55
CA LYS A 203 -32.61 -15.40 11.31
C LYS A 203 -31.90 -14.14 10.87
N ASN A 204 -30.57 -14.22 10.77
CA ASN A 204 -29.72 -13.06 10.52
C ASN A 204 -29.67 -12.56 9.10
N LEU A 205 -29.87 -13.43 8.13
CA LEU A 205 -29.69 -13.03 6.75
C LEU A 205 -31.01 -13.17 6.01
N LYS A 206 -31.26 -12.22 5.12
CA LYS A 206 -32.54 -12.15 4.43
C LYS A 206 -32.59 -13.18 3.30
N ASN A 207 -33.21 -14.35 3.53
CA ASN A 207 -33.42 -15.30 2.42
C ASN A 207 -32.17 -15.53 1.51
N GLU A 208 -31.01 -15.69 2.12
CA GLU A 208 -29.79 -16.02 1.37
C GLU A 208 -29.85 -17.46 0.88
N TYR A 209 -29.37 -17.69 -0.33
CA TYR A 209 -29.03 -19.03 -0.81
C TYR A 209 -28.06 -19.69 0.15
N ILE A 210 -28.40 -20.88 0.65
CA ILE A 210 -27.55 -21.58 1.63
C ILE A 210 -26.78 -22.75 1.08
N ALA A 211 -25.46 -22.64 1.16
CA ALA A 211 -24.55 -23.71 0.80
C ALA A 211 -23.80 -24.20 2.03
N ILE A 212 -23.72 -25.53 2.17
CA ILE A 212 -23.00 -26.17 3.30
C ILE A 212 -22.01 -27.27 2.84
N GLU A 213 -20.81 -27.26 3.43
CA GLU A 213 -19.80 -28.31 3.25
C GLU A 213 -20.05 -29.46 4.19
N CYS A 214 -20.11 -30.67 3.65
CA CYS A 214 -20.34 -31.90 4.41
C CYS A 214 -19.16 -32.86 4.14
N ASP A 215 -18.62 -33.51 5.18
CA ASP A 215 -17.59 -34.52 4.91
C ASP A 215 -18.07 -35.95 5.15
N ASN A 216 -19.35 -36.11 5.47
CA ASN A 216 -19.92 -37.44 5.56
C ASN A 216 -21.41 -37.42 5.25
N ILE A 217 -22.02 -38.60 5.18
CA ILE A 217 -23.41 -38.74 4.71
C ILE A 217 -24.40 -38.31 5.80
N SER A 218 -24.04 -38.47 7.06
CA SER A 218 -24.88 -37.96 8.15
C SER A 218 -25.08 -36.44 8.04
N GLN A 219 -24.01 -35.72 7.71
CA GLN A 219 -24.10 -34.31 7.49
C GLN A 219 -24.96 -33.94 6.27
N VAL A 220 -24.82 -34.71 5.18
CA VAL A 220 -25.68 -34.58 4.01
C VAL A 220 -27.14 -34.74 4.40
N GLU A 221 -27.44 -35.78 5.17
CA GLU A 221 -28.80 -36.02 5.64
C GLU A 221 -29.34 -34.86 6.48
N GLU A 222 -28.51 -34.35 7.38
CA GLU A 222 -28.91 -33.26 8.25
C GLU A 222 -29.12 -31.98 7.41
N SER A 223 -28.25 -31.72 6.43
CA SER A 223 -28.42 -30.54 5.60
C SER A 223 -29.70 -30.64 4.80
N LEU A 224 -30.01 -31.82 4.27
CA LEU A 224 -31.30 -32.00 3.58
C LEU A 224 -32.52 -31.76 4.47
N SER A 225 -32.50 -32.20 5.72
CA SER A 225 -33.68 -31.99 6.58
C SER A 225 -33.84 -30.51 6.92
N ASN A 226 -32.76 -29.73 6.77
CA ASN A 226 -32.82 -28.29 6.91
C ASN A 226 -33.08 -27.55 5.59
N ASN A 227 -33.43 -28.28 4.53
CA ASN A 227 -33.78 -27.66 3.27
C ASN A 227 -32.74 -26.67 2.73
N VAL A 228 -31.46 -27.04 2.80
CA VAL A 228 -30.44 -26.19 2.21
C VAL A 228 -30.57 -26.17 0.68
N ASP A 229 -29.93 -25.18 0.06
CA ASP A 229 -29.95 -25.01 -1.39
C ASP A 229 -28.84 -25.76 -2.12
N MET A 230 -27.67 -25.90 -1.47
CA MET A 230 -26.49 -26.51 -2.07
C MET A 230 -25.68 -27.25 -1.02
N ILE A 231 -25.18 -28.41 -1.42
CA ILE A 231 -24.37 -29.25 -0.57
C ILE A 231 -23.06 -29.51 -1.31
N LEU A 232 -21.96 -29.30 -0.62
CA LEU A 232 -20.66 -29.54 -1.13
C LEU A 232 -20.13 -30.77 -0.37
N LEU A 233 -19.71 -31.75 -1.16
CA LEU A 233 -19.16 -33.00 -0.67
C LEU A 233 -17.65 -32.87 -0.67
N ASP A 234 -17.09 -32.77 0.54
CA ASP A 234 -15.67 -32.55 0.74
C ASP A 234 -14.95 -33.91 0.94
N ASN A 235 -14.11 -34.24 -0.04
CA ASN A 235 -13.27 -35.44 -0.10
C ASN A 235 -13.88 -36.79 0.23
N MET A 236 -15.00 -37.06 -0.40
CA MET A 236 -15.67 -38.32 -0.24
C MET A 236 -15.15 -39.29 -1.33
N SER A 237 -15.39 -40.57 -1.11
CA SER A 237 -15.12 -41.59 -2.10
C SER A 237 -16.22 -41.52 -3.15
N ILE A 238 -15.91 -42.01 -4.35
CA ILE A 238 -16.90 -42.12 -5.41
C ILE A 238 -18.18 -42.81 -4.91
N SER A 239 -18.06 -43.82 -4.06
CA SER A 239 -19.26 -44.52 -3.60
C SER A 239 -20.11 -43.65 -2.62
N GLU A 240 -19.46 -42.86 -1.77
CA GLU A 240 -20.21 -41.91 -0.89
C GLU A 240 -20.88 -40.81 -1.72
N ILE A 241 -20.21 -40.35 -2.77
CA ILE A 241 -20.77 -39.31 -3.63
C ILE A 241 -22.00 -39.85 -4.34
N LYS A 242 -21.92 -41.09 -4.81
CA LYS A 242 -23.08 -41.70 -5.45
C LYS A 242 -24.23 -41.83 -4.45
N LYS A 243 -23.92 -42.30 -3.24
CA LYS A 243 -24.95 -42.37 -2.19
C LYS A 243 -25.60 -41.01 -1.90
N ALA A 244 -24.83 -39.94 -1.92
CA ALA A 244 -25.35 -38.59 -1.65
C ALA A 244 -26.24 -38.12 -2.78
N VAL A 245 -25.82 -38.39 -4.01
CA VAL A 245 -26.66 -38.12 -5.17
C VAL A 245 -28.02 -38.84 -4.99
N ASP A 246 -27.98 -40.09 -4.58
CA ASP A 246 -29.19 -40.91 -4.39
CA ASP A 246 -29.21 -40.86 -4.44
C ASP A 246 -30.10 -40.27 -3.34
N ILE A 247 -29.55 -39.96 -2.16
CA ILE A 247 -30.31 -39.43 -1.03
CA ILE A 247 -30.39 -39.46 -1.06
C ILE A 247 -30.90 -38.03 -1.30
N VAL A 248 -30.07 -37.16 -1.87
CA VAL A 248 -30.47 -35.80 -2.20
C VAL A 248 -31.66 -35.76 -3.18
N ASN A 249 -31.62 -36.65 -4.16
CA ASN A 249 -32.70 -36.87 -5.10
C ASN A 249 -33.18 -35.59 -5.78
N GLY A 250 -32.24 -34.76 -6.20
CA GLY A 250 -32.59 -33.50 -6.86
C GLY A 250 -33.15 -32.40 -5.97
N LYS A 251 -33.15 -32.57 -4.65
CA LYS A 251 -33.74 -31.56 -3.75
C LYS A 251 -32.73 -30.43 -3.36
N SER A 252 -31.50 -30.56 -3.82
CA SER A 252 -30.47 -29.59 -3.57
C SER A 252 -29.42 -29.73 -4.68
N VAL A 253 -28.69 -28.64 -4.96
CA VAL A 253 -27.52 -28.67 -5.82
C VAL A 253 -26.42 -29.47 -5.11
N LEU A 254 -25.67 -30.26 -5.88
CA LEU A 254 -24.57 -31.03 -5.35
C LEU A 254 -23.29 -30.62 -6.01
N GLU A 255 -22.31 -30.31 -5.17
CA GLU A 255 -20.98 -29.99 -5.63
C GLU A 255 -19.92 -30.89 -4.95
N VAL A 256 -18.92 -31.30 -5.71
CA VAL A 256 -17.77 -32.04 -5.22
C VAL A 256 -16.53 -31.13 -5.19
N SER A 257 -15.87 -31.16 -4.03
CA SER A 257 -14.55 -30.59 -3.75
C SER A 257 -13.67 -31.74 -3.23
N GLY A 258 -12.34 -31.61 -3.34
CA GLY A 258 -11.42 -32.67 -2.86
C GLY A 258 -10.26 -33.01 -3.78
N CYS A 259 -9.82 -34.27 -3.73
CA CYS A 259 -8.68 -34.72 -4.55
C CYS A 259 -9.17 -34.93 -6.00
N VAL A 260 -9.32 -33.82 -6.73
CA VAL A 260 -9.80 -33.87 -8.10
C VAL A 260 -8.62 -33.67 -9.05
N ASN A 261 -8.33 -34.67 -9.86
CA ASN A 261 -7.29 -34.59 -10.87
C ASN A 261 -7.90 -34.96 -12.20
N ILE A 262 -7.14 -34.77 -13.24
CA ILE A 262 -7.67 -34.89 -14.58
C ILE A 262 -8.09 -36.34 -14.86
N ARG A 263 -7.43 -37.29 -14.19
CA ARG A 263 -7.71 -38.71 -14.39
C ARG A 263 -8.94 -39.22 -13.65
N ASN A 264 -9.43 -38.51 -12.64
CA ASN A 264 -10.74 -38.88 -12.08
C ASN A 264 -11.90 -37.93 -12.22
N VAL A 265 -11.68 -36.73 -12.76
CA VAL A 265 -12.75 -35.77 -12.78
C VAL A 265 -13.96 -36.29 -13.59
N ARG A 266 -13.77 -37.05 -14.67
CA ARG A 266 -14.96 -37.54 -15.40
C ARG A 266 -15.79 -38.57 -14.61
N ASN A 267 -15.10 -39.45 -13.88
CA ASN A 267 -15.79 -40.42 -13.04
C ASN A 267 -16.68 -39.68 -12.07
N ILE A 268 -16.11 -38.66 -11.42
CA ILE A 268 -16.85 -37.82 -10.52
C ILE A 268 -18.06 -37.19 -11.26
N ALA A 269 -17.83 -36.66 -12.46
CA ALA A 269 -18.88 -36.00 -13.22
C ALA A 269 -20.02 -36.96 -13.56
N LEU A 270 -19.71 -38.21 -13.80
CA LEU A 270 -20.76 -39.17 -14.18
C LEU A 270 -21.66 -39.59 -13.00
N THR A 271 -21.34 -39.18 -11.78
CA THR A 271 -22.18 -39.56 -10.60
C THR A 271 -23.55 -38.90 -10.59
N GLY A 272 -23.68 -37.79 -11.31
CA GLY A 272 -24.88 -37.00 -11.32
C GLY A 272 -24.82 -35.70 -10.54
N VAL A 273 -23.68 -35.39 -9.93
CA VAL A 273 -23.47 -34.09 -9.29
C VAL A 273 -23.50 -32.96 -10.35
N ASP A 274 -23.70 -31.73 -9.86
CA ASP A 274 -23.91 -30.55 -10.68
C ASP A 274 -22.62 -29.79 -10.98
N TYR A 275 -21.73 -29.74 -9.99
CA TYR A 275 -20.53 -28.91 -10.04
C TYR A 275 -19.36 -29.68 -9.48
N ILE A 276 -18.16 -29.41 -9.96
CA ILE A 276 -16.94 -29.87 -9.30
C ILE A 276 -16.03 -28.67 -9.09
N SER A 277 -15.70 -28.35 -7.84
CA SER A 277 -14.75 -27.28 -7.57
C SER A 277 -13.37 -27.83 -7.35
N ILE A 278 -12.40 -27.14 -7.95
CA ILE A 278 -11.03 -27.62 -8.03
C ILE A 278 -10.08 -26.53 -7.58
N GLY A 279 -9.38 -26.81 -6.47
CA GLY A 279 -8.36 -25.89 -5.94
C GLY A 279 -7.20 -25.71 -6.87
N CYS A 280 -6.80 -26.80 -7.53
CA CYS A 280 -5.53 -26.85 -8.27
CA CYS A 280 -5.54 -26.86 -8.29
C CYS A 280 -5.54 -26.08 -9.61
N ILE A 281 -6.69 -25.60 -10.06
CA ILE A 281 -6.72 -24.79 -11.30
C ILE A 281 -6.38 -23.32 -11.02
N THR A 282 -6.34 -22.91 -9.74
CA THR A 282 -5.89 -21.54 -9.39
C THR A 282 -4.71 -21.48 -8.44
N ASN A 283 -4.21 -22.61 -8.01
CA ASN A 283 -2.89 -22.64 -7.42
C ASN A 283 -2.25 -23.91 -7.93
N SER A 284 -0.92 -24.03 -7.90
CA SER A 284 -0.24 -25.27 -8.32
C SER A 284 -0.53 -25.68 -9.77
N PHE A 285 -0.59 -24.68 -10.67
CA PHE A 285 -0.78 -24.90 -12.11
C PHE A 285 0.48 -24.41 -12.86
N GLN A 286 0.66 -24.85 -14.10
CA GLN A 286 1.80 -24.38 -14.93
C GLN A 286 1.47 -23.08 -15.65
N ASN A 287 2.30 -22.05 -15.44
CA ASN A 287 2.24 -20.85 -16.26
C ASN A 287 2.47 -21.28 -17.72
N LYS A 288 1.95 -20.52 -18.68
CA LYS A 288 2.26 -20.83 -20.07
C LYS A 288 3.46 -20.00 -20.54
N ASP A 289 4.28 -20.57 -21.40
CA ASP A 289 5.49 -19.91 -21.83
C ASP A 289 5.09 -18.99 -22.99
N ILE A 290 5.13 -17.70 -22.72
CA ILE A 290 4.87 -16.61 -23.69
C ILE A 290 6.02 -15.60 -23.62
N GLY A 291 6.43 -15.03 -24.76
CA GLY A 291 7.55 -14.10 -24.79
C GLY A 291 7.33 -12.87 -25.66
N LEU A 292 8.20 -11.87 -25.47
CA LEU A 292 8.19 -10.64 -26.27
C LEU A 292 9.38 -10.68 -27.23
N ASP A 293 9.11 -10.80 -28.53
CA ASP A 293 10.15 -10.85 -29.55
C ASP A 293 10.20 -9.50 -30.26
N ILE A 294 11.43 -9.02 -30.50
CA ILE A 294 11.70 -7.71 -31.07
C ILE A 294 12.45 -7.79 -32.39
N GLU A 295 12.18 -6.85 -33.30
CA GLU A 295 13.09 -6.53 -34.43
C GLU A 295 13.49 -5.03 -34.42
N ILE B 24 11.77 15.32 -7.95
CA ILE B 24 11.07 14.63 -6.81
C ILE B 24 9.83 13.96 -7.34
N SER B 25 9.60 12.70 -6.99
CA SER B 25 8.45 11.97 -7.52
C SER B 25 7.30 12.11 -6.56
N PHE B 26 6.11 12.40 -7.08
CA PHE B 26 4.89 12.41 -6.27
C PHE B 26 3.95 11.25 -6.56
N SER B 27 4.37 10.28 -7.36
CA SER B 27 3.40 9.32 -7.89
C SER B 27 2.79 8.44 -6.79
N GLU B 28 3.58 8.07 -5.78
CA GLU B 28 3.11 7.14 -4.73
C GLU B 28 2.10 7.84 -3.81
N ILE B 29 2.42 9.06 -3.37
CA ILE B 29 1.49 9.79 -2.53
C ILE B 29 0.19 10.10 -3.28
N ILE B 30 0.27 10.34 -4.59
CA ILE B 30 -0.93 10.59 -5.40
C ILE B 30 -1.79 9.33 -5.41
N HIS B 31 -1.16 8.18 -5.64
CA HIS B 31 -1.91 6.93 -5.66
C HIS B 31 -2.58 6.69 -4.33
N ASN B 32 -1.83 6.87 -3.25
CA ASN B 32 -2.36 6.58 -1.94
C ASN B 32 -3.53 7.51 -1.60
N ALA B 33 -3.42 8.77 -1.98
CA ALA B 33 -4.51 9.73 -1.79
C ALA B 33 -5.75 9.36 -2.62
N LEU B 34 -5.53 8.92 -3.85
CA LEU B 34 -6.66 8.49 -4.69
C LEU B 34 -7.33 7.25 -4.09
N LYS B 35 -6.52 6.24 -3.78
CA LYS B 35 -7.01 5.00 -3.19
C LYS B 35 -7.84 5.23 -1.92
N GLU B 36 -7.36 6.05 -0.98
CA GLU B 36 -8.08 6.26 0.29
C GLU B 36 -9.46 6.91 0.06
N ASP B 37 -9.60 7.72 -0.99
CA ASP B 37 -10.86 8.42 -1.25
C ASP B 37 -11.79 7.67 -2.23
N LEU B 38 -11.24 6.87 -3.12
CA LEU B 38 -12.01 6.24 -4.21
C LEU B 38 -12.18 4.73 -4.06
N GLY B 39 -11.31 4.10 -3.27
CA GLY B 39 -11.41 2.69 -2.94
C GLY B 39 -11.64 1.83 -4.18
N ASP B 40 -12.42 0.76 -4.00
CA ASP B 40 -12.75 -0.16 -5.09
C ASP B 40 -14.06 0.19 -5.78
N LYS B 41 -15.01 0.78 -5.05
CA LYS B 41 -16.32 1.12 -5.61
C LYS B 41 -16.32 2.43 -6.39
N GLY B 42 -15.31 3.26 -6.19
CA GLY B 42 -15.28 4.58 -6.80
C GLY B 42 -16.29 5.52 -6.18
N ASP B 43 -16.56 6.62 -6.88
CA ASP B 43 -17.38 7.74 -6.39
C ASP B 43 -18.84 7.47 -6.65
N ILE B 44 -19.54 6.88 -5.68
CA ILE B 44 -20.90 6.41 -5.96
C ILE B 44 -21.93 7.53 -6.23
N THR B 45 -21.66 8.72 -5.70
CA THR B 45 -22.52 9.86 -5.93
C THR B 45 -22.38 10.33 -7.37
N THR B 46 -21.17 10.70 -7.77
CA THR B 46 -20.93 11.17 -9.11
C THR B 46 -21.44 10.16 -10.15
N ASN B 47 -21.11 8.88 -9.96
CA ASN B 47 -21.40 7.84 -10.93
C ASN B 47 -22.86 7.49 -11.05
N SER B 48 -23.66 7.84 -10.05
CA SER B 48 -25.08 7.55 -10.04
C SER B 48 -25.88 8.72 -10.59
N ILE B 49 -25.21 9.85 -10.83
CA ILE B 49 -25.85 11.06 -11.34
C ILE B 49 -25.38 11.48 -12.74
N LEU B 50 -24.09 11.39 -13.04
CA LEU B 50 -23.55 11.97 -14.26
C LEU B 50 -23.23 10.91 -15.30
N ILE B 51 -23.37 11.29 -16.57
CA ILE B 51 -22.96 10.44 -17.66
C ILE B 51 -21.97 11.20 -18.55
N ASN B 52 -22.48 11.94 -19.53
CA ASN B 52 -21.63 12.55 -20.56
C ASN B 52 -21.49 14.07 -20.45
N GLU B 53 -22.02 14.65 -19.37
CA GLU B 53 -21.90 16.10 -19.17
C GLU B 53 -20.42 16.57 -19.19
N LYS B 54 -20.18 17.66 -19.92
CA LYS B 54 -18.87 18.33 -19.94
C LYS B 54 -19.02 19.68 -19.27
N VAL B 55 -17.97 20.11 -18.55
CA VAL B 55 -18.03 21.34 -17.77
C VAL B 55 -16.75 22.12 -17.95
N ASN B 56 -16.89 23.45 -17.93
CA ASN B 56 -15.76 24.32 -17.73
C ASN B 56 -15.52 24.48 -16.25
N PHE B 57 -14.23 24.45 -15.88
CA PHE B 57 -13.83 24.57 -14.49
C PHE B 57 -12.64 25.48 -14.35
N ALA B 58 -12.41 25.87 -13.10
CA ALA B 58 -11.32 26.71 -12.68
C ALA B 58 -10.95 26.36 -11.24
N ILE B 59 -9.63 26.23 -11.01
CA ILE B 59 -9.07 26.06 -9.67
C ILE B 59 -8.73 27.48 -9.22
N ASN B 60 -9.46 27.98 -8.23
CA ASN B 60 -9.41 29.41 -7.92
C ASN B 60 -8.99 29.61 -6.45
N THR B 61 -8.03 30.48 -6.21
CA THR B 61 -7.61 30.79 -4.84
C THR B 61 -8.70 31.66 -4.19
N ARG B 62 -8.98 31.43 -2.91
CA ARG B 62 -9.85 32.29 -2.15
C ARG B 62 -9.08 33.16 -1.19
N GLU B 63 -7.76 33.18 -1.30
CA GLU B 63 -6.97 34.14 -0.51
C GLU B 63 -5.61 34.28 -1.18
N ASN B 64 -4.82 35.23 -0.67
CA ASN B 64 -3.43 35.42 -1.13
C ASN B 64 -2.62 34.19 -0.74
N LEU B 65 -1.68 33.78 -1.58
CA LEU B 65 -0.86 32.62 -1.31
C LEU B 65 0.33 32.56 -2.27
N VAL B 66 1.32 31.80 -1.84
CA VAL B 66 2.38 31.32 -2.71
C VAL B 66 1.88 29.99 -3.25
N VAL B 67 1.80 29.88 -4.58
CA VAL B 67 1.34 28.68 -5.26
C VAL B 67 2.32 27.52 -5.04
N CYS B 68 1.79 26.36 -4.67
CA CYS B 68 2.59 25.14 -4.58
C CYS B 68 1.70 23.93 -4.81
N GLY B 69 2.22 22.92 -5.50
CA GLY B 69 1.46 21.69 -5.78
C GLY B 69 0.94 21.53 -7.20
N ILE B 70 1.21 22.50 -8.09
CA ILE B 70 0.73 22.40 -9.45
C ILE B 70 1.24 21.14 -10.17
N PRO B 71 2.50 20.71 -9.91
CA PRO B 71 2.90 19.49 -10.59
C PRO B 71 2.07 18.25 -10.17
N ILE B 72 1.55 18.24 -8.95
CA ILE B 72 0.66 17.16 -8.53
C ILE B 72 -0.63 17.19 -9.33
N LEU B 73 -1.24 18.35 -9.44
CA LEU B 73 -2.42 18.54 -10.28
C LEU B 73 -2.17 18.10 -11.72
N GLU B 74 -1.01 18.45 -12.27
CA GLU B 74 -0.67 18.05 -13.62
C GLU B 74 -0.59 16.53 -13.74
N GLU B 75 0.15 15.90 -12.83
CA GLU B 75 0.31 14.43 -12.88
C GLU B 75 -1.05 13.71 -12.81
N VAL B 76 -1.94 14.18 -11.95
CA VAL B 76 -3.30 13.64 -11.83
C VAL B 76 -4.15 13.87 -13.11
N PHE B 77 -4.16 15.10 -13.63
CA PHE B 77 -4.90 15.35 -14.89
C PHE B 77 -4.35 14.56 -16.06
N ASN B 78 -3.03 14.43 -16.10
CA ASN B 78 -2.37 13.68 -17.14
C ASN B 78 -2.66 12.17 -17.13
N MET B 79 -3.18 11.63 -16.03
CA MET B 79 -3.65 10.23 -16.03
C MET B 79 -4.94 10.11 -16.86
N ASN B 80 -5.70 11.21 -16.92
CA ASN B 80 -7.02 11.25 -17.54
C ASN B 80 -7.00 12.14 -18.81
N LYS B 81 -5.95 12.06 -19.61
CA LYS B 81 -5.70 13.01 -20.71
C LYS B 81 -6.84 13.12 -21.75
N GLU B 82 -7.49 12.01 -22.06
CA GLU B 82 -8.65 12.02 -22.97
C GLU B 82 -9.87 12.78 -22.40
N HIS B 83 -9.93 13.00 -21.09
CA HIS B 83 -11.14 13.47 -20.43
C HIS B 83 -11.00 14.84 -19.75
N VAL B 84 -9.79 15.39 -19.72
CA VAL B 84 -9.54 16.70 -19.12
C VAL B 84 -8.57 17.50 -20.01
N LYS B 85 -8.98 18.70 -20.41
CA LYS B 85 -8.10 19.62 -21.14
C LYS B 85 -7.87 20.77 -20.17
N TYR B 86 -6.65 21.27 -20.08
CA TYR B 86 -6.38 22.29 -19.07
C TYR B 86 -5.28 23.28 -19.44
N GLU B 87 -5.31 24.44 -18.81
CA GLU B 87 -4.34 25.49 -19.01
C GLU B 87 -3.79 25.90 -17.65
N ILE B 88 -2.46 25.92 -17.52
CA ILE B 88 -1.78 26.37 -16.32
C ILE B 88 -1.56 27.87 -16.41
N HIS B 89 -2.08 28.62 -15.44
CA HIS B 89 -1.95 30.08 -15.39
C HIS B 89 -0.89 30.49 -14.34
N LYS B 90 -0.65 29.64 -13.36
CA LYS B 90 0.31 29.93 -12.33
C LYS B 90 1.16 28.67 -12.08
N LYS B 91 2.47 28.88 -11.94
CA LYS B 91 3.42 27.80 -11.58
C LYS B 91 3.84 27.94 -10.11
N ASP B 92 4.34 26.84 -9.55
CA ASP B 92 4.79 26.81 -8.17
C ASP B 92 5.79 27.92 -7.91
N GLY B 93 5.60 28.63 -6.83
CA GLY B 93 6.46 29.75 -6.47
C GLY B 93 5.86 31.10 -6.83
N ASP B 94 4.83 31.12 -7.68
CA ASP B 94 4.17 32.40 -8.00
C ASP B 94 3.41 32.90 -6.79
N ILE B 95 3.58 34.18 -6.51
CA ILE B 95 2.82 34.84 -5.46
C ILE B 95 1.54 35.40 -6.10
N THR B 96 0.40 35.02 -5.56
CA THR B 96 -0.84 35.51 -6.15
C THR B 96 -1.87 35.94 -5.12
N GLY B 97 -2.81 36.78 -5.58
CA GLY B 97 -3.84 37.33 -4.72
C GLY B 97 -5.11 36.47 -4.66
N LYS B 98 -6.02 36.89 -3.79
CA LYS B 98 -7.34 36.31 -3.68
C LYS B 98 -8.04 36.31 -5.03
N ASN B 99 -8.85 35.31 -5.29
CA ASN B 99 -9.63 35.21 -6.54
C ASN B 99 -8.77 35.12 -7.81
N SER B 100 -7.67 34.39 -7.69
CA SER B 100 -6.78 34.18 -8.82
C SER B 100 -6.99 32.77 -9.38
N THR B 101 -7.16 32.67 -10.69
CA THR B 101 -7.37 31.36 -11.31
C THR B 101 -6.01 30.74 -11.53
N LEU B 102 -5.74 29.61 -10.88
CA LEU B 102 -4.47 28.90 -11.04
C LEU B 102 -4.42 28.00 -12.27
N VAL B 103 -5.49 27.25 -12.46
CA VAL B 103 -5.61 26.34 -13.61
C VAL B 103 -7.06 26.47 -14.09
N SER B 104 -7.26 26.47 -15.39
CA SER B 104 -8.62 26.38 -15.96
C SER B 104 -8.67 25.29 -17.05
N GLY B 105 -9.88 24.87 -17.40
CA GLY B 105 -10.04 23.97 -18.54
C GLY B 105 -11.44 23.46 -18.68
N GLU B 106 -11.59 22.36 -19.42
CA GLU B 106 -12.87 21.65 -19.52
C GLU B 106 -12.64 20.16 -19.33
N ALA B 107 -13.65 19.48 -18.77
CA ALA B 107 -13.57 18.05 -18.45
C ALA B 107 -14.90 17.32 -18.57
N LEU B 108 -14.82 16.01 -18.75
CA LEU B 108 -15.98 15.14 -18.49
C LEU B 108 -16.16 15.19 -16.98
N ALA B 109 -17.34 15.63 -16.55
CA ALA B 109 -17.58 15.85 -15.14
C ALA B 109 -17.44 14.54 -14.35
N ILE B 110 -17.89 13.43 -14.92
CA ILE B 110 -17.71 12.11 -14.31
C ILE B 110 -16.23 11.75 -14.02
N TYR B 111 -15.27 12.36 -14.73
CA TYR B 111 -13.83 12.15 -14.42
C TYR B 111 -13.24 13.20 -13.50
N LEU B 112 -13.81 14.40 -13.50
CA LEU B 112 -13.29 15.50 -12.71
C LEU B 112 -13.73 15.48 -11.26
N LEU B 113 -15.03 15.32 -11.02
CA LEU B 113 -15.56 15.45 -9.64
C LEU B 113 -15.00 14.40 -8.66
N PRO B 114 -14.66 13.20 -9.15
CA PRO B 114 -14.11 12.21 -8.21
C PRO B 114 -12.69 12.49 -7.72
N ILE B 115 -11.95 13.37 -8.41
CA ILE B 115 -10.55 13.72 -8.08
C ILE B 115 -10.42 15.13 -7.50
N GLU B 116 -11.53 15.86 -7.41
CA GLU B 116 -11.52 17.25 -6.94
C GLU B 116 -10.87 17.38 -5.56
N ARG B 117 -11.34 16.61 -4.58
CA ARG B 117 -10.90 16.74 -3.19
C ARG B 117 -9.46 16.28 -3.04
N VAL B 118 -9.07 15.23 -3.73
CA VAL B 118 -7.66 14.82 -3.68
C VAL B 118 -6.71 15.93 -4.21
N ILE B 119 -7.04 16.51 -5.36
CA ILE B 119 -6.22 17.58 -5.95
C ILE B 119 -6.20 18.82 -5.04
N LEU B 120 -7.36 19.22 -4.54
CA LEU B 120 -7.43 20.41 -3.72
C LEU B 120 -6.70 20.16 -2.42
N ASN B 121 -6.92 19.01 -1.76
CA ASN B 121 -6.21 18.78 -0.49
C ASN B 121 -4.67 18.88 -0.66
N PHE B 122 -4.16 18.38 -1.79
CA PHE B 122 -2.71 18.51 -2.04
C PHE B 122 -2.24 19.98 -2.20
N ILE B 123 -2.91 20.73 -3.09
CA ILE B 123 -2.44 22.08 -3.34
CA ILE B 123 -2.51 22.11 -3.37
C ILE B 123 -2.71 23.05 -2.17
N GLN B 124 -3.75 22.78 -1.36
CA GLN B 124 -4.01 23.57 -0.17
C GLN B 124 -2.96 23.34 0.91
N HIS B 125 -2.54 22.09 1.03
CA HIS B 125 -1.51 21.71 1.98
C HIS B 125 -0.15 22.31 1.54
N ALA B 126 0.25 21.99 0.32
CA ALA B 126 1.52 22.49 -0.26
C ALA B 126 1.60 24.03 -0.28
N SER B 127 0.53 24.68 -0.76
CA SER B 127 0.50 26.16 -0.77
C SER B 127 0.53 26.73 0.66
N GLY B 128 -0.11 26.06 1.62
CA GLY B 128 -0.01 26.47 3.03
C GLY B 128 1.42 26.50 3.54
N ILE B 129 2.21 25.45 3.18
CA ILE B 129 3.63 25.36 3.56
C ILE B 129 4.50 26.39 2.83
N ALA B 130 4.35 26.47 1.52
CA ALA B 130 5.09 27.48 0.75
C ALA B 130 4.82 28.88 1.28
N SER B 131 3.56 29.19 1.60
CA SER B 131 3.14 30.55 2.00
C SER B 131 3.68 30.94 3.38
N ILE B 132 3.54 30.08 4.38
CA ILE B 132 4.12 30.40 5.71
C ILE B 132 5.64 30.48 5.60
N THR B 133 6.27 29.58 4.84
CA THR B 133 7.70 29.63 4.68
C THR B 133 8.11 31.01 4.11
N ARG B 134 7.43 31.42 3.07
CA ARG B 134 7.78 32.69 2.39
C ARG B 134 7.65 33.85 3.40
N GLN B 135 6.65 33.79 4.28
CA GLN B 135 6.49 34.84 5.27
C GLN B 135 7.74 34.95 6.20
N PHE B 136 8.33 33.81 6.57
CA PHE B 136 9.54 33.80 7.36
C PHE B 136 10.75 34.27 6.57
N VAL B 137 10.85 33.83 5.32
CA VAL B 137 11.96 34.27 4.43
C VAL B 137 11.92 35.80 4.21
N ASP B 138 10.74 36.36 3.93
CA ASP B 138 10.60 37.81 3.80
C ASP B 138 11.04 38.56 5.05
N GLU B 139 10.76 37.99 6.22
CA GLU B 139 11.04 38.65 7.47
C GLU B 139 12.54 38.63 7.89
N VAL B 140 13.35 37.74 7.30
CA VAL B 140 14.82 37.73 7.52
C VAL B 140 15.60 38.32 6.31
N SER B 141 14.88 38.87 5.35
CA SER B 141 15.46 39.57 4.19
C SER B 141 16.50 40.61 4.63
N GLY B 142 17.63 40.63 3.94
CA GLY B 142 18.72 41.56 4.29
C GLY B 142 19.58 41.11 5.45
N THR B 143 19.43 39.85 5.85
CA THR B 143 20.41 39.14 6.64
C THR B 143 20.89 37.98 5.77
N LYS B 144 21.95 37.32 6.21
CA LYS B 144 22.53 36.23 5.43
C LYS B 144 21.77 34.89 5.60
N VAL B 145 20.77 34.89 6.48
CA VAL B 145 20.15 33.66 6.95
C VAL B 145 19.26 32.96 5.92
N LYS B 146 19.32 31.64 5.87
CA LYS B 146 18.36 30.83 5.12
C LYS B 146 17.47 30.10 6.10
N ILE B 147 16.19 30.00 5.75
CA ILE B 147 15.21 29.27 6.53
C ILE B 147 15.22 27.81 6.11
N ARG B 148 15.28 26.90 7.07
CA ARG B 148 15.25 25.47 6.75
C ARG B 148 14.08 24.77 7.37
N SER B 149 13.71 23.68 6.69
CA SER B 149 12.75 22.72 7.19
C SER B 149 13.42 21.77 8.20
N THR B 150 12.60 20.98 8.88
CA THR B 150 13.07 20.00 9.81
C THR B 150 12.51 18.66 9.36
N ARG B 151 12.61 17.64 10.22
CA ARG B 151 11.89 16.37 10.02
C ARG B 151 10.55 16.26 10.76
N LYS B 152 10.08 17.39 11.30
CA LYS B 152 8.77 17.46 11.88
C LYS B 152 7.75 17.80 10.81
N THR B 153 7.61 16.84 9.90
CA THR B 153 6.80 16.94 8.71
C THR B 153 5.58 15.99 8.90
N THR B 154 4.58 16.17 8.04
CA THR B 154 3.38 15.35 8.07
C THR B 154 3.75 13.95 7.65
N PRO B 155 3.32 12.94 8.42
CA PRO B 155 3.68 11.57 8.08
C PRO B 155 3.21 11.16 6.68
N GLY B 156 4.12 10.61 5.89
CA GLY B 156 3.83 10.22 4.54
C GLY B 156 4.09 11.28 3.50
N LEU B 157 4.29 12.51 3.94
CA LEU B 157 4.49 13.66 3.03
C LEU B 157 5.81 14.38 3.28
N ARG B 158 6.82 13.63 3.77
CA ARG B 158 8.15 14.23 4.03
C ARG B 158 8.68 15.03 2.83
N MET B 159 8.61 14.43 1.64
CA MET B 159 9.22 15.04 0.48
C MET B 159 8.37 16.21 -0.08
N LEU B 160 7.05 16.06 -0.11
CA LEU B 160 6.18 17.16 -0.51
C LEU B 160 6.38 18.39 0.43
N ASP B 161 6.41 18.12 1.73
CA ASP B 161 6.60 19.16 2.74
C ASP B 161 7.93 19.88 2.57
N LYS B 162 9.02 19.15 2.39
CA LYS B 162 10.32 19.79 2.20
C LYS B 162 10.40 20.53 0.85
N TYR B 163 9.82 19.93 -0.21
CA TYR B 163 9.69 20.57 -1.51
C TYR B 163 8.95 21.93 -1.37
N SER B 164 7.83 21.91 -0.66
CA SER B 164 7.04 23.13 -0.46
C SER B 164 7.80 24.19 0.31
N VAL B 165 8.57 23.79 1.30
CA VAL B 165 9.41 24.75 1.98
C VAL B 165 10.41 25.39 0.99
N CYS B 166 11.01 24.59 0.11
CA CYS B 166 11.93 25.11 -0.89
C CYS B 166 11.26 26.09 -1.86
N ILE B 167 10.04 25.77 -2.31
CA ILE B 167 9.25 26.64 -3.18
C ILE B 167 8.92 27.97 -2.50
N GLY B 168 8.64 27.91 -1.20
CA GLY B 168 8.56 29.12 -0.37
C GLY B 168 9.82 29.94 -0.13
N GLY B 169 10.96 29.44 -0.61
CA GLY B 169 12.26 30.11 -0.47
C GLY B 169 13.20 29.57 0.57
N GLY B 170 12.85 28.46 1.21
CA GLY B 170 13.71 27.84 2.22
C GLY B 170 14.59 26.73 1.65
N GLU B 171 15.35 26.10 2.53
CA GLU B 171 16.27 24.99 2.18
C GLU B 171 16.06 23.82 3.12
N SER B 172 16.80 22.74 2.87
CA SER B 172 16.79 21.56 3.70
C SER B 172 18.21 21.03 3.85
N TYR B 173 18.57 20.70 5.10
CA TYR B 173 19.86 20.03 5.45
C TYR B 173 19.93 18.61 4.95
N ARG B 174 18.88 17.81 5.20
CA ARG B 174 18.79 16.43 4.69
C ARG B 174 17.33 16.08 4.49
N ASP B 175 17.06 15.07 3.66
CA ASP B 175 15.70 14.56 3.46
C ASP B 175 15.25 13.66 4.62
N ASN B 176 16.16 12.84 5.13
CA ASN B 176 15.80 11.83 6.10
C ASN B 176 17.01 11.37 6.92
N LEU B 177 16.89 10.24 7.62
CA LEU B 177 17.99 9.82 8.44
C LEU B 177 19.17 9.24 7.64
N CYS B 178 18.95 8.95 6.34
CA CYS B 178 19.94 8.32 5.47
C CYS B 178 20.94 9.26 4.81
N ASP B 179 20.55 10.51 4.56
CA ASP B 179 21.37 11.41 3.73
C ASP B 179 22.07 12.54 4.50
N GLY B 180 22.10 12.47 5.82
CA GLY B 180 22.91 13.41 6.58
C GLY B 180 23.11 12.97 8.01
N VAL B 181 24.25 13.40 8.58
CA VAL B 181 24.51 13.19 10.00
C VAL B 181 23.99 14.35 10.85
N LEU B 182 23.23 14.02 11.90
CA LEU B 182 22.83 14.99 12.91
C LEU B 182 22.77 14.28 14.26
N ILE B 183 23.76 14.56 15.08
CA ILE B 183 23.87 14.00 16.41
C ILE B 183 22.97 14.81 17.31
N LYS B 184 22.03 14.13 17.94
CA LYS B 184 20.97 14.75 18.68
C LYS B 184 21.16 14.51 20.14
N ASP B 185 20.36 15.24 20.91
CA ASP B 185 20.34 15.18 22.36
C ASP B 185 20.28 13.75 22.86
N ASN B 186 19.47 12.95 22.18
CA ASN B 186 19.22 11.60 22.63
C ASN B 186 20.36 10.67 22.27
N HIS B 187 21.19 10.99 21.25
CA HIS B 187 22.46 10.27 21.04
C HIS B 187 23.44 10.58 22.14
N ILE B 188 23.59 11.87 22.49
CA ILE B 188 24.47 12.26 23.61
C ILE B 188 24.04 11.52 24.91
N ALA B 189 22.78 11.60 25.29
CA ALA B 189 22.28 10.93 26.53
C ALA B 189 22.48 9.41 26.50
N SER B 190 22.34 8.80 25.32
CA SER B 190 22.52 7.35 25.16
C SER B 190 23.98 6.90 25.25
N CYS B 191 24.94 7.61 24.65
CA CYS B 191 26.33 7.08 24.72
C CYS B 191 27.17 7.69 25.83
N GLY B 192 26.71 8.82 26.38
CA GLY B 192 27.36 9.44 27.55
C GLY B 192 28.09 10.76 27.29
N SER B 193 28.55 10.99 26.05
CA SER B 193 29.25 12.24 25.72
C SER B 193 29.26 12.61 24.24
N ILE B 194 29.31 13.91 23.98
CA ILE B 194 29.51 14.45 22.63
C ILE B 194 30.83 13.94 22.04
N THR B 195 31.89 13.94 22.85
CA THR B 195 33.20 13.52 22.36
C THR B 195 33.21 12.05 21.91
N LEU B 196 32.64 11.15 22.70
CA LEU B 196 32.59 9.73 22.33
C LEU B 196 31.70 9.52 21.10
N ALA B 197 30.59 10.24 21.02
CA ALA B 197 29.67 10.07 19.90
C ALA B 197 30.37 10.43 18.59
N ILE B 198 31.06 11.57 18.58
CA ILE B 198 31.76 12.01 17.38
C ILE B 198 32.91 11.04 17.07
N GLN B 199 33.61 10.57 18.10
CA GLN B 199 34.68 9.59 17.95
C GLN B 199 34.19 8.29 17.27
N ARG B 200 33.09 7.73 17.76
CA ARG B 200 32.55 6.52 17.15
C ARG B 200 32.12 6.78 15.72
N LEU B 201 31.49 7.93 15.49
CA LEU B 201 30.99 8.25 14.17
C LEU B 201 32.13 8.44 13.13
N ARG B 202 33.16 9.18 13.51
CA ARG B 202 34.32 9.35 12.63
C ARG B 202 34.96 8.01 12.22
N LYS B 203 34.97 7.06 13.14
CA LYS B 203 35.52 5.76 12.84
C LYS B 203 34.70 5.05 11.80
N ASN B 204 33.38 5.13 11.93
CA ASN B 204 32.46 4.36 11.12
C ASN B 204 32.09 5.04 9.82
N LEU B 205 32.07 6.36 9.78
CA LEU B 205 31.64 7.04 8.57
C LEU B 205 32.82 7.73 7.89
N LYS B 206 32.73 7.76 6.57
CA LYS B 206 33.84 8.16 5.74
C LYS B 206 33.94 9.67 5.63
N ASN B 207 34.59 10.33 6.59
CA ASN B 207 34.72 11.78 6.48
C ASN B 207 33.34 12.43 6.16
N GLU B 208 32.33 12.10 6.95
CA GLU B 208 30.98 12.66 6.76
C GLU B 208 30.98 14.04 7.37
N TYR B 209 30.16 14.90 6.82
CA TYR B 209 29.89 16.19 7.39
C TYR B 209 29.14 15.99 8.70
N ILE B 210 29.68 16.53 9.78
CA ILE B 210 29.03 16.34 11.09
C ILE B 210 28.29 17.58 11.61
N ALA B 211 26.99 17.39 11.85
CA ALA B 211 26.14 18.36 12.54
C ALA B 211 25.77 17.83 13.93
N ILE B 212 25.74 18.70 14.92
CA ILE B 212 25.41 18.30 16.27
C ILE B 212 24.45 19.32 16.95
N GLU B 213 23.48 18.78 17.68
CA GLU B 213 22.56 19.58 18.48
C GLU B 213 23.09 19.85 19.88
N CYS B 214 23.09 21.13 20.25
CA CYS B 214 23.58 21.62 21.54
C CYS B 214 22.45 22.42 22.20
N ASP B 215 22.20 22.16 23.48
CA ASP B 215 21.23 23.02 24.17
C ASP B 215 21.83 23.88 25.27
N ASN B 216 23.15 23.87 25.40
CA ASN B 216 23.84 24.83 26.27
C ASN B 216 25.22 25.15 25.74
N ILE B 217 25.85 26.16 26.33
CA ILE B 217 27.11 26.68 25.82
C ILE B 217 28.26 25.70 26.02
N SER B 218 28.23 24.92 27.10
CA SER B 218 29.29 23.95 27.32
CA SER B 218 29.24 23.89 27.36
C SER B 218 29.31 22.87 26.22
N GLN B 219 28.16 22.48 25.72
CA GLN B 219 28.09 21.59 24.56
C GLN B 219 28.63 22.23 23.28
N VAL B 220 28.33 23.53 23.08
CA VAL B 220 28.90 24.26 21.95
C VAL B 220 30.44 24.20 22.02
N GLU B 221 31.00 24.48 23.20
CA GLU B 221 32.45 24.43 23.35
C GLU B 221 33.00 23.04 23.06
N GLU B 222 32.34 22.01 23.59
CA GLU B 222 32.80 20.64 23.36
C GLU B 222 32.68 20.24 21.88
N SER B 223 31.64 20.74 21.21
CA SER B 223 31.45 20.42 19.80
C SER B 223 32.57 21.09 19.00
N LEU B 224 32.89 22.33 19.34
CA LEU B 224 34.04 23.03 18.74
C LEU B 224 35.41 22.35 18.96
N SER B 225 35.68 21.82 20.15
CA SER B 225 36.89 21.02 20.42
C SER B 225 37.07 19.85 19.48
N ASN B 226 35.95 19.27 19.08
CA ASN B 226 35.91 18.17 18.17
C ASN B 226 35.81 18.56 16.69
N ASN B 227 35.95 19.84 16.36
CA ASN B 227 35.97 20.30 14.97
C ASN B 227 34.77 19.83 14.09
N VAL B 228 33.56 19.89 14.63
CA VAL B 228 32.37 19.56 13.88
C VAL B 228 32.16 20.64 12.80
N ASP B 229 31.36 20.31 11.82
CA ASP B 229 31.10 21.22 10.68
C ASP B 229 29.93 22.18 10.92
N MET B 230 28.99 21.78 11.76
CA MET B 230 27.72 22.52 11.94
C MET B 230 27.17 22.30 13.35
N ILE B 231 26.72 23.37 13.98
CA ILE B 231 26.18 23.31 15.34
C ILE B 231 24.77 23.87 15.30
N LEU B 232 23.86 23.11 15.88
CA LEU B 232 22.51 23.49 16.00
C LEU B 232 22.22 23.89 17.45
N LEU B 233 21.72 25.09 17.61
CA LEU B 233 21.39 25.65 18.93
C LEU B 233 19.91 25.40 19.19
N ASP B 234 19.63 24.52 20.16
CA ASP B 234 18.25 24.12 20.46
C ASP B 234 17.67 24.92 21.64
N ASN B 235 16.62 25.71 21.36
CA ASN B 235 15.82 26.43 22.39
C ASN B 235 16.67 27.25 23.36
N MET B 236 17.58 28.01 22.78
CA MET B 236 18.42 28.88 23.56
C MET B 236 17.83 30.31 23.56
N SER B 237 18.24 31.10 24.54
CA SER B 237 17.87 32.50 24.59
C SER B 237 18.73 33.25 23.57
N ILE B 238 18.28 34.44 23.18
CA ILE B 238 19.04 35.27 22.25
C ILE B 238 20.43 35.58 22.80
N SER B 239 20.54 35.87 24.09
CA SER B 239 21.85 36.18 24.68
C SER B 239 22.82 34.97 24.54
N GLU B 240 22.29 33.75 24.77
CA GLU B 240 23.05 32.53 24.58
C GLU B 240 23.42 32.34 23.11
N ILE B 241 22.53 32.71 22.19
CA ILE B 241 22.80 32.52 20.77
C ILE B 241 23.97 33.42 20.35
N LYS B 242 23.95 34.63 20.87
CA LYS B 242 25.00 35.59 20.62
C LYS B 242 26.32 35.09 21.20
N LYS B 243 26.28 34.51 22.40
CA LYS B 243 27.47 33.96 22.98
CA LYS B 243 27.52 33.95 22.96
C LYS B 243 28.05 32.82 22.07
N ALA B 244 27.17 31.95 21.61
CA ALA B 244 27.58 30.88 20.70
C ALA B 244 28.20 31.45 19.41
N VAL B 245 27.59 32.46 18.82
CA VAL B 245 28.16 33.10 17.62
C VAL B 245 29.58 33.61 17.88
N ASP B 246 29.75 34.29 19.01
CA ASP B 246 31.03 34.80 19.46
C ASP B 246 32.10 33.70 19.63
N ILE B 247 31.76 32.63 20.35
CA ILE B 247 32.77 31.59 20.58
CA ILE B 247 32.72 31.54 20.61
C ILE B 247 33.01 30.74 19.35
N VAL B 248 32.00 30.53 18.54
CA VAL B 248 32.18 29.75 17.29
C VAL B 248 33.09 30.48 16.34
N ASN B 249 32.91 31.79 16.24
CA ASN B 249 33.86 32.66 15.53
C ASN B 249 34.08 32.23 14.07
N GLY B 250 33.01 31.86 13.39
CA GLY B 250 33.09 31.39 11.99
C GLY B 250 33.79 30.06 11.74
N LYS B 251 34.12 29.30 12.79
CA LYS B 251 34.79 28.00 12.64
C LYS B 251 33.80 26.84 12.36
N SER B 252 32.50 27.10 12.47
CA SER B 252 31.46 26.11 12.18
C SER B 252 30.20 26.84 11.70
N VAL B 253 29.37 26.18 10.90
CA VAL B 253 28.07 26.70 10.55
C VAL B 253 27.24 26.71 11.83
N LEU B 254 26.39 27.73 11.99
CA LEU B 254 25.49 27.76 13.12
C LEU B 254 24.04 27.83 12.67
N GLU B 255 23.22 26.99 13.30
CA GLU B 255 21.80 26.93 13.01
C GLU B 255 21.01 27.07 14.32
N VAL B 256 19.95 27.84 14.27
CA VAL B 256 19.01 27.95 15.38
C VAL B 256 17.78 27.12 15.08
N SER B 257 17.36 26.29 16.04
CA SER B 257 16.17 25.44 15.89
C SER B 257 15.11 25.74 16.94
N GLY B 258 13.87 25.44 16.57
CA GLY B 258 12.72 25.55 17.45
C GLY B 258 11.57 26.16 16.65
N CYS B 259 10.46 26.41 17.34
CA CYS B 259 9.33 27.11 16.74
C CYS B 259 9.25 28.56 17.23
N VAL B 260 10.40 29.22 17.16
CA VAL B 260 10.54 30.48 16.46
C VAL B 260 9.19 30.92 15.86
N ASN B 261 8.69 32.05 16.32
CA ASN B 261 7.51 32.64 15.72
C ASN B 261 7.91 33.79 14.81
N ILE B 262 6.95 34.23 14.02
CA ILE B 262 7.22 35.27 13.06
C ILE B 262 7.71 36.58 13.71
N ARG B 263 7.36 36.79 14.98
CA ARG B 263 7.70 38.03 15.68
C ARG B 263 9.13 38.10 16.20
N ASN B 264 9.85 36.98 16.21
CA ASN B 264 11.24 37.00 16.67
C ASN B 264 12.25 36.43 15.74
N VAL B 265 11.83 35.86 14.63
CA VAL B 265 12.81 35.27 13.73
C VAL B 265 13.82 36.33 13.27
N ARG B 266 13.38 37.59 13.10
CA ARG B 266 14.37 38.59 12.62
C ARG B 266 15.50 38.84 13.64
N ASN B 267 15.13 38.88 14.92
CA ASN B 267 16.10 39.12 15.98
C ASN B 267 17.06 37.97 16.09
N ILE B 268 16.56 36.74 15.84
CA ILE B 268 17.43 35.59 15.80
C ILE B 268 18.39 35.74 14.61
N ALA B 269 17.83 36.12 13.47
CA ALA B 269 18.60 36.27 12.23
C ALA B 269 19.76 37.28 12.41
N LEU B 270 19.52 38.35 13.15
CA LEU B 270 20.49 39.41 13.29
C LEU B 270 21.67 39.07 14.22
N THR B 271 21.59 37.94 14.95
CA THR B 271 22.71 37.48 15.79
C THR B 271 23.97 37.11 14.99
N GLY B 272 23.78 36.70 13.75
CA GLY B 272 24.88 36.27 12.89
C GLY B 272 24.91 34.77 12.60
N VAL B 273 23.90 34.03 12.99
CA VAL B 273 23.82 32.61 12.63
C VAL B 273 23.59 32.47 11.13
N ASP B 274 23.80 31.27 10.60
CA ASP B 274 23.66 30.99 9.17
C ASP B 274 22.25 30.49 8.77
N TYR B 275 21.63 29.71 9.65
CA TYR B 275 20.36 29.06 9.31
C TYR B 275 19.36 29.17 10.48
N ILE B 276 18.08 29.17 10.18
CA ILE B 276 17.06 28.99 11.21
C ILE B 276 16.12 27.87 10.73
N SER B 277 16.06 26.76 11.47
CA SER B 277 15.17 25.63 11.13
CA SER B 277 15.14 25.68 11.08
C SER B 277 13.92 25.79 11.96
N ILE B 278 12.75 25.65 11.34
CA ILE B 278 11.49 25.91 12.00
C ILE B 278 10.54 24.72 11.86
N GLY B 279 10.10 24.13 12.96
CA GLY B 279 9.18 22.99 12.91
C GLY B 279 7.81 23.33 12.32
N CYS B 280 7.27 24.47 12.75
CA CYS B 280 5.90 24.92 12.45
CA CYS B 280 5.88 24.81 12.42
C CYS B 280 5.67 25.40 11.03
N ILE B 281 6.67 25.37 10.17
CA ILE B 281 6.39 25.63 8.76
C ILE B 281 5.95 24.34 8.06
N THR B 282 6.11 23.19 8.71
CA THR B 282 5.68 21.90 8.13
C THR B 282 4.70 21.05 8.99
N ASN B 283 4.35 21.54 10.16
CA ASN B 283 3.25 20.99 10.90
C ASN B 283 2.64 22.22 11.57
N SER B 284 1.41 22.15 12.02
CA SER B 284 0.81 23.34 12.70
C SER B 284 0.77 24.63 11.85
N PHE B 285 0.44 24.53 10.59
CA PHE B 285 0.33 25.69 9.71
C PHE B 285 -1.11 25.74 9.12
N GLN B 286 -1.48 26.88 8.53
CA GLN B 286 -2.80 27.06 7.93
C GLN B 286 -2.80 26.61 6.47
N ASN B 287 -3.70 25.69 6.12
CA ASN B 287 -3.94 25.36 4.71
C ASN B 287 -4.46 26.61 4.03
N LYS B 288 -4.23 26.75 2.74
CA LYS B 288 -4.78 27.87 1.99
C LYS B 288 -6.12 27.45 1.37
N ASP B 289 -7.09 28.37 1.36
CA ASP B 289 -8.41 28.09 0.85
C ASP B 289 -8.40 28.24 -0.66
N ILE B 290 -8.49 27.12 -1.35
CA ILE B 290 -8.55 27.03 -2.80
C ILE B 290 -9.70 26.10 -3.17
N GLY B 291 -10.45 26.46 -4.20
CA GLY B 291 -11.64 25.70 -4.59
C GLY B 291 -11.71 25.37 -6.07
N LEU B 292 -12.61 24.44 -6.43
CA LEU B 292 -12.90 24.09 -7.82
CA LEU B 292 -12.89 24.09 -7.82
C LEU B 292 -14.28 24.64 -8.18
N ASP B 293 -14.30 25.65 -9.05
CA ASP B 293 -15.55 26.32 -9.47
C ASP B 293 -15.89 25.80 -10.87
N ILE B 294 -17.14 25.44 -11.05
CA ILE B 294 -17.63 24.77 -12.26
C ILE B 294 -18.68 25.67 -12.87
N GLU B 295 -18.63 25.89 -14.17
CA GLU B 295 -19.71 26.64 -14.86
C GLU B 295 -20.82 25.69 -15.38
N TYR B 296 -22.10 26.06 -15.19
CA TYR B 296 -23.26 25.46 -15.93
C TYR B 296 -23.08 24.00 -16.38
N MET C 22 15.80 -1.81 6.30
CA MET C 22 14.61 -2.22 7.09
C MET C 22 14.33 -3.70 6.82
N LYS C 23 13.78 -4.41 7.81
CA LYS C 23 13.26 -5.77 7.56
C LYS C 23 12.17 -5.66 6.50
N ILE C 24 11.96 -6.73 5.75
CA ILE C 24 10.92 -6.78 4.73
C ILE C 24 9.52 -6.50 5.34
N SER C 25 8.67 -5.74 4.63
CA SER C 25 7.28 -5.51 5.10
C SER C 25 6.24 -6.21 4.24
N PHE C 26 5.35 -6.99 4.86
CA PHE C 26 4.26 -7.62 4.14
C PHE C 26 2.93 -6.90 4.37
N SER C 27 2.96 -5.73 4.99
CA SER C 27 1.69 -5.08 5.39
C SER C 27 0.78 -4.74 4.19
N GLU C 28 1.37 -4.28 3.10
CA GLU C 28 0.59 -3.91 1.92
C GLU C 28 -0.08 -5.15 1.28
N ILE C 29 0.69 -6.21 1.04
CA ILE C 29 0.11 -7.42 0.41
C ILE C 29 -0.90 -8.08 1.35
N ILE C 30 -0.68 -7.99 2.65
CA ILE C 30 -1.69 -8.43 3.63
C ILE C 30 -3.00 -7.69 3.47
N HIS C 31 -2.94 -6.35 3.43
CA HIS C 31 -4.15 -5.57 3.30
C HIS C 31 -4.92 -5.87 2.02
N ASN C 32 -4.21 -6.03 0.90
CA ASN C 32 -4.86 -6.35 -0.36
C ASN C 32 -5.49 -7.75 -0.33
N ALA C 33 -4.85 -8.71 0.33
CA ALA C 33 -5.45 -10.06 0.47
C ALA C 33 -6.71 -10.02 1.37
N LEU C 34 -6.64 -9.31 2.50
CA LEU C 34 -7.82 -9.11 3.34
C LEU C 34 -8.92 -8.41 2.59
N LYS C 35 -8.63 -7.28 1.95
CA LYS C 35 -9.63 -6.52 1.21
C LYS C 35 -10.34 -7.36 0.11
N GLU C 36 -9.58 -8.12 -0.67
CA GLU C 36 -10.20 -8.88 -1.73
C GLU C 36 -11.17 -9.97 -1.19
N ASP C 37 -10.90 -10.53 0.00
CA ASP C 37 -11.72 -11.62 0.56
C ASP C 37 -12.85 -11.16 1.48
N LEU C 38 -12.64 -10.01 2.14
CA LEU C 38 -13.57 -9.48 3.15
C LEU C 38 -14.36 -8.22 2.69
N GLY C 39 -13.85 -7.52 1.66
CA GLY C 39 -14.58 -6.40 1.04
C GLY C 39 -15.10 -5.39 2.07
N ASP C 40 -16.32 -4.88 1.85
CA ASP C 40 -16.96 -3.94 2.80
C ASP C 40 -17.98 -4.58 3.71
N LYS C 41 -18.60 -5.67 3.29
CA LYS C 41 -19.63 -6.34 4.10
C LYS C 41 -19.04 -7.38 5.07
N GLY C 42 -17.78 -7.75 4.91
CA GLY C 42 -17.14 -8.74 5.78
C GLY C 42 -17.60 -10.16 5.49
N ASP C 43 -17.30 -11.08 6.40
CA ASP C 43 -17.64 -12.50 6.25
C ASP C 43 -19.09 -12.76 6.68
N ILE C 44 -20.03 -12.71 5.73
CA ILE C 44 -21.47 -12.79 6.06
C ILE C 44 -21.84 -14.14 6.69
N THR C 45 -21.15 -15.21 6.29
CA THR C 45 -21.40 -16.53 6.87
C THR C 45 -20.99 -16.60 8.34
N THR C 46 -19.76 -16.25 8.63
CA THR C 46 -19.25 -16.31 9.98
C THR C 46 -20.00 -15.37 10.90
N ASN C 47 -20.24 -14.14 10.42
CA ASN C 47 -20.86 -13.10 11.25
C ASN C 47 -22.32 -13.37 11.53
N SER C 48 -22.93 -14.24 10.74
CA SER C 48 -24.34 -14.58 10.89
C SER C 48 -24.55 -15.80 11.76
N ILE C 49 -23.50 -16.58 12.02
CA ILE C 49 -23.62 -17.80 12.79
C ILE C 49 -23.01 -17.68 14.16
N LEU C 50 -21.88 -17.00 14.28
CA LEU C 50 -21.11 -17.05 15.52
C LEU C 50 -21.28 -15.83 16.37
N ILE C 51 -21.17 -16.06 17.67
CA ILE C 51 -21.34 -15.03 18.68
C ILE C 51 -20.06 -14.99 19.49
N ASN C 52 -20.01 -15.72 20.61
CA ASN C 52 -18.92 -15.63 21.58
C ASN C 52 -18.15 -16.96 21.72
N GLU C 53 -18.34 -17.85 20.77
CA GLU C 53 -17.70 -19.12 20.80
C GLU C 53 -16.19 -18.96 20.76
N LYS C 54 -15.54 -19.65 21.70
CA LYS C 54 -14.09 -19.76 21.77
C LYS C 54 -13.67 -21.15 21.29
N VAL C 55 -12.59 -21.19 20.51
CA VAL C 55 -12.06 -22.42 19.94
C VAL C 55 -10.56 -22.54 20.15
N ASN C 56 -10.10 -23.76 20.42
CA ASN C 56 -8.68 -24.09 20.29
C ASN C 56 -8.41 -24.42 18.83
N PHE C 57 -7.31 -23.87 18.30
CA PHE C 57 -6.94 -24.08 16.92
C PHE C 57 -5.48 -24.47 16.75
N ALA C 58 -5.19 -25.11 15.61
CA ALA C 58 -3.84 -25.40 15.16
C ALA C 58 -3.72 -25.29 13.64
N ILE C 59 -2.62 -24.73 13.19
CA ILE C 59 -2.27 -24.69 11.79
C ILE C 59 -1.31 -25.83 11.62
N ASN C 60 -1.71 -26.85 10.85
CA ASN C 60 -1.00 -28.11 10.75
C ASN C 60 -0.63 -28.40 9.32
N THR C 61 0.63 -28.77 9.10
CA THR C 61 1.06 -29.31 7.81
C THR C 61 0.40 -30.67 7.52
N ARG C 62 0.20 -30.95 6.24
CA ARG C 62 -0.28 -32.25 5.80
C ARG C 62 0.80 -33.00 5.03
N GLU C 63 2.05 -32.51 5.06
CA GLU C 63 3.20 -33.18 4.40
C GLU C 63 4.46 -32.46 4.81
N ASN C 64 5.61 -33.02 4.41
CA ASN C 64 6.93 -32.41 4.60
C ASN C 64 6.98 -31.04 3.89
N LEU C 65 7.66 -30.08 4.50
CA LEU C 65 7.83 -28.77 3.87
C LEU C 65 8.87 -27.93 4.59
N VAL C 66 9.37 -26.94 3.87
CA VAL C 66 10.19 -25.89 4.44
C VAL C 66 9.22 -24.79 4.83
N VAL C 67 9.20 -24.43 6.11
CA VAL C 67 8.24 -23.45 6.62
C VAL C 67 8.56 -22.08 6.06
N CYS C 68 7.55 -21.40 5.52
CA CYS C 68 7.75 -20.02 5.04
C CYS C 68 6.43 -19.24 5.12
N GLY C 69 6.50 -17.98 5.55
CA GLY C 69 5.32 -17.12 5.64
C GLY C 69 4.81 -16.92 7.05
N ILE C 70 5.52 -17.44 8.05
CA ILE C 70 5.09 -17.28 9.45
C ILE C 70 4.96 -15.80 9.89
N PRO C 71 5.89 -14.92 9.43
CA PRO C 71 5.67 -13.49 9.85
C PRO C 71 4.35 -12.89 9.34
N ILE C 72 3.80 -13.42 8.24
CA ILE C 72 2.53 -12.93 7.75
C ILE C 72 1.40 -13.38 8.66
N LEU C 73 1.46 -14.65 9.04
CA LEU C 73 0.53 -15.21 9.99
C LEU C 73 0.58 -14.43 11.31
N GLU C 74 1.79 -14.11 11.77
CA GLU C 74 1.94 -13.30 12.97
C GLU C 74 1.27 -11.94 12.82
N GLU C 75 1.47 -11.28 11.69
CA GLU C 75 0.96 -9.92 11.53
C GLU C 75 -0.57 -9.92 11.50
N VAL C 76 -1.15 -10.85 10.77
CA VAL C 76 -2.60 -11.00 10.73
C VAL C 76 -3.20 -11.33 12.12
N PHE C 77 -2.62 -12.29 12.84
CA PHE C 77 -3.12 -12.62 14.17
C PHE C 77 -3.01 -11.41 15.09
N ASN C 78 -1.93 -10.64 14.95
CA ASN C 78 -1.66 -9.48 15.79
C ASN C 78 -2.60 -8.28 15.56
N MET C 79 -3.29 -8.25 14.43
CA MET C 79 -4.34 -7.27 14.20
C MET C 79 -5.54 -7.48 15.14
N ASN C 80 -5.71 -8.74 15.60
CA ASN C 80 -6.82 -9.17 16.48
C ASN C 80 -6.32 -9.66 17.86
N LYS C 81 -5.40 -8.93 18.50
CA LYS C 81 -4.70 -9.45 19.70
C LYS C 81 -5.62 -9.71 20.92
N GLU C 82 -6.69 -8.94 21.06
CA GLU C 82 -7.64 -9.15 22.16
C GLU C 82 -8.37 -10.47 22.00
N HIS C 83 -8.51 -10.94 20.76
CA HIS C 83 -9.39 -12.05 20.44
C HIS C 83 -8.68 -13.31 19.92
N VAL C 84 -7.36 -13.24 19.77
CA VAL C 84 -6.55 -14.39 19.29
C VAL C 84 -5.28 -14.49 20.14
N LYS C 85 -5.11 -15.61 20.82
CA LYS C 85 -3.91 -15.88 21.61
C LYS C 85 -3.22 -17.08 20.95
N TYR C 86 -1.95 -16.94 20.63
CA TYR C 86 -1.31 -17.97 19.82
C TYR C 86 0.15 -18.13 20.23
N GLU C 87 0.72 -19.29 19.87
CA GLU C 87 2.14 -19.54 20.05
C GLU C 87 2.69 -20.14 18.76
N ILE C 88 3.82 -19.57 18.30
CA ILE C 88 4.55 -20.09 17.15
C ILE C 88 5.40 -21.26 17.59
N HIS C 89 5.36 -22.35 16.84
CA HIS C 89 6.19 -23.52 17.14
C HIS C 89 7.25 -23.80 16.09
N LYS C 90 7.09 -23.24 14.90
CA LYS C 90 8.11 -23.34 13.89
C LYS C 90 8.35 -21.94 13.28
N LYS C 91 9.58 -21.65 12.92
CA LYS C 91 9.95 -20.38 12.28
C LYS C 91 10.27 -20.62 10.81
N ASP C 92 10.28 -19.52 10.06
CA ASP C 92 10.64 -19.58 8.66
C ASP C 92 12.04 -20.19 8.45
N GLY C 93 12.12 -21.15 7.55
CA GLY C 93 13.37 -21.85 7.28
C GLY C 93 13.48 -23.18 8.00
N ASP C 94 12.65 -23.41 9.03
CA ASP C 94 12.56 -24.75 9.66
C ASP C 94 12.06 -25.77 8.64
N ILE C 95 12.69 -26.94 8.65
CA ILE C 95 12.29 -28.06 7.84
C ILE C 95 11.51 -28.99 8.77
N THR C 96 10.28 -29.30 8.40
CA THR C 96 9.39 -30.08 9.27
C THR C 96 8.61 -31.18 8.49
N GLY C 97 8.05 -32.11 9.25
CA GLY C 97 7.38 -33.27 8.68
C GLY C 97 5.88 -33.11 8.53
N LYS C 98 5.25 -34.15 7.98
CA LYS C 98 3.81 -34.32 7.93
C LYS C 98 3.18 -34.22 9.36
N ASN C 99 2.01 -33.59 9.44
CA ASN C 99 1.27 -33.45 10.71
C ASN C 99 2.08 -32.73 11.78
N SER C 100 2.78 -31.69 11.35
CA SER C 100 3.49 -30.82 12.24
C SER C 100 2.67 -29.55 12.48
N THR C 101 2.54 -29.16 13.75
CA THR C 101 1.90 -27.93 14.19
C THR C 101 2.86 -26.75 14.11
N LEU C 102 2.56 -25.85 13.19
CA LEU C 102 3.31 -24.64 13.00
C LEU C 102 2.94 -23.61 14.08
N VAL C 103 1.65 -23.47 14.35
CA VAL C 103 1.13 -22.48 15.29
C VAL C 103 -0.08 -23.10 15.94
N SER C 104 -0.29 -22.80 17.22
CA SER C 104 -1.50 -23.22 17.87
C SER C 104 -1.98 -22.11 18.79
N GLY C 105 -3.23 -22.20 19.20
CA GLY C 105 -3.74 -21.22 20.15
C GLY C 105 -5.21 -21.30 20.44
N GLU C 106 -5.74 -20.19 20.96
CA GLU C 106 -7.16 -20.06 21.32
CA GLU C 106 -7.17 -20.07 21.28
C GLU C 106 -7.68 -18.75 20.70
N ALA C 107 -8.89 -18.78 20.15
CA ALA C 107 -9.48 -17.59 19.52
C ALA C 107 -10.98 -17.58 19.65
N LEU C 108 -11.54 -16.36 19.73
CA LEU C 108 -12.95 -16.13 19.41
C LEU C 108 -13.12 -16.55 17.95
N ALA C 109 -14.01 -17.48 17.69
CA ALA C 109 -14.18 -18.03 16.35
C ALA C 109 -14.54 -16.95 15.37
N ILE C 110 -15.38 -16.01 15.79
CA ILE C 110 -15.87 -14.96 14.90
C ILE C 110 -14.71 -14.16 14.32
N TYR C 111 -13.57 -14.13 15.01
CA TYR C 111 -12.39 -13.37 14.54
C TYR C 111 -11.38 -14.23 13.77
N LEU C 112 -11.30 -15.52 14.06
CA LEU C 112 -10.40 -16.44 13.36
C LEU C 112 -10.89 -16.91 11.99
N LEU C 113 -12.15 -17.28 11.86
CA LEU C 113 -12.63 -17.88 10.61
C LEU C 113 -12.59 -16.96 9.38
N PRO C 114 -12.84 -15.66 9.57
CA PRO C 114 -12.74 -14.75 8.41
C PRO C 114 -11.35 -14.49 7.84
N ILE C 115 -10.32 -14.87 8.58
CA ILE C 115 -8.93 -14.70 8.11
C ILE C 115 -8.26 -16.01 7.76
N GLU C 116 -8.96 -17.13 8.01
CA GLU C 116 -8.41 -18.46 7.72
C GLU C 116 -7.82 -18.58 6.31
N ARG C 117 -8.62 -18.29 5.31
CA ARG C 117 -8.22 -18.59 3.96
C ARG C 117 -7.06 -17.65 3.54
N VAL C 118 -7.13 -16.39 3.94
CA VAL C 118 -6.00 -15.45 3.68
C VAL C 118 -4.67 -15.97 4.24
N ILE C 119 -4.66 -16.34 5.50
CA ILE C 119 -3.45 -16.83 6.12
C ILE C 119 -2.99 -18.13 5.44
N LEU C 120 -3.91 -19.06 5.17
CA LEU C 120 -3.50 -20.32 4.58
C LEU C 120 -2.93 -20.08 3.18
N ASN C 121 -3.57 -19.22 2.40
CA ASN C 121 -3.10 -19.02 1.00
C ASN C 121 -1.69 -18.47 1.02
N PHE C 122 -1.43 -17.55 1.96
CA PHE C 122 -0.05 -17.01 2.09
C PHE C 122 0.98 -18.10 2.43
N ILE C 123 0.75 -18.88 3.49
CA ILE C 123 1.79 -19.81 3.95
CA ILE C 123 1.77 -19.82 3.98
C ILE C 123 1.93 -20.99 3.01
N GLN C 124 0.82 -21.40 2.40
CA GLN C 124 0.88 -22.46 1.40
C GLN C 124 1.69 -22.01 0.14
N HIS C 125 1.51 -20.76 -0.29
CA HIS C 125 2.31 -20.20 -1.39
C HIS C 125 3.77 -20.05 -0.99
N ALA C 126 4.02 -19.34 0.11
CA ALA C 126 5.38 -19.07 0.55
C ALA C 126 6.12 -20.38 0.82
N SER C 127 5.45 -21.35 1.49
CA SER C 127 6.11 -22.61 1.79
C SER C 127 6.35 -23.46 0.52
N GLY C 128 5.46 -23.35 -0.46
CA GLY C 128 5.68 -24.03 -1.75
C GLY C 128 6.96 -23.55 -2.42
N ILE C 129 7.16 -22.24 -2.44
CA ILE C 129 8.42 -21.69 -3.01
C ILE C 129 9.67 -22.09 -2.20
N ALA C 130 9.61 -21.95 -0.88
CA ALA C 130 10.76 -22.27 -0.05
C ALA C 130 11.10 -23.74 -0.21
N SER C 131 10.09 -24.60 -0.28
CA SER C 131 10.32 -26.03 -0.40
C SER C 131 10.88 -26.44 -1.77
N ILE C 132 10.37 -25.90 -2.88
CA ILE C 132 10.94 -26.28 -4.19
C ILE C 132 12.40 -25.76 -4.30
N THR C 133 12.65 -24.57 -3.79
CA THR C 133 14.00 -24.00 -3.78
C THR C 133 14.95 -24.92 -3.03
N ARG C 134 14.54 -25.31 -1.83
CA ARG C 134 15.37 -26.17 -1.01
C ARG C 134 15.71 -27.45 -1.76
N GLN C 135 14.74 -27.99 -2.48
CA GLN C 135 15.00 -29.15 -3.29
C GLN C 135 16.13 -28.92 -4.28
N PHE C 136 16.10 -27.80 -5.04
CA PHE C 136 17.15 -27.49 -6.00
C PHE C 136 18.47 -27.21 -5.30
N VAL C 137 18.42 -26.52 -4.17
CA VAL C 137 19.63 -26.26 -3.39
C VAL C 137 20.31 -27.59 -2.94
N ASP C 138 19.53 -28.51 -2.38
CA ASP C 138 20.09 -29.80 -1.95
C ASP C 138 20.76 -30.61 -3.04
N GLU C 139 20.23 -30.53 -4.25
CA GLU C 139 20.64 -31.34 -5.35
C GLU C 139 21.91 -30.80 -5.99
N VAL C 140 22.24 -29.54 -5.74
CA VAL C 140 23.52 -28.99 -6.18
C VAL C 140 24.55 -28.95 -5.03
N SER C 141 24.25 -29.59 -3.90
CA SER C 141 25.16 -29.61 -2.76
CA SER C 141 25.16 -29.58 -2.76
C SER C 141 26.55 -30.14 -3.12
N GLY C 142 27.58 -29.58 -2.51
CA GLY C 142 28.97 -29.97 -2.81
C GLY C 142 29.50 -29.45 -4.13
N THR C 143 28.75 -28.54 -4.77
CA THR C 143 29.28 -27.69 -5.85
C THR C 143 29.30 -26.26 -5.31
N LYS C 144 29.92 -25.35 -6.04
CA LYS C 144 29.95 -23.95 -5.60
C LYS C 144 28.68 -23.20 -5.97
N VAL C 145 27.73 -23.87 -6.60
CA VAL C 145 26.59 -23.17 -7.18
C VAL C 145 25.59 -22.65 -6.14
N LYS C 146 25.12 -21.43 -6.37
CA LYS C 146 23.94 -20.91 -5.64
C LYS C 146 22.72 -20.88 -6.56
N ILE C 147 21.56 -21.25 -6.04
CA ILE C 147 20.31 -21.15 -6.77
C ILE C 147 19.78 -19.71 -6.65
N ARG C 148 19.42 -19.08 -7.79
CA ARG C 148 18.87 -17.73 -7.79
C ARG C 148 17.45 -17.63 -8.30
N SER C 149 16.72 -16.67 -7.74
CA SER C 149 15.41 -16.34 -8.23
C SER C 149 15.58 -15.48 -9.46
N THR C 150 14.47 -15.25 -10.14
CA THR C 150 14.33 -14.38 -11.28
C THR C 150 13.24 -13.33 -11.00
N ARG C 151 12.83 -12.59 -12.05
CA ARG C 151 11.72 -11.68 -12.01
C ARG C 151 10.41 -12.29 -12.54
N LYS C 152 10.43 -13.60 -12.81
CA LYS C 152 9.24 -14.32 -13.22
C LYS C 152 8.56 -14.79 -11.94
N THR C 153 8.12 -13.78 -11.18
CA THR C 153 7.42 -13.99 -9.95
C THR C 153 5.90 -13.79 -10.15
N THR C 154 5.15 -14.09 -9.11
CA THR C 154 3.71 -13.91 -9.09
C THR C 154 3.44 -12.40 -8.97
N PRO C 155 2.59 -11.84 -9.88
CA PRO C 155 2.28 -10.43 -9.87
C PRO C 155 1.78 -9.96 -8.54
N GLY C 156 2.41 -8.91 -8.02
CA GLY C 156 2.08 -8.37 -6.73
C GLY C 156 2.79 -9.00 -5.56
N LEU C 157 3.46 -10.13 -5.79
CA LEU C 157 4.22 -10.83 -4.76
C LEU C 157 5.71 -10.94 -5.05
N ARG C 158 6.27 -9.97 -5.76
CA ARG C 158 7.70 -10.02 -6.10
C ARG C 158 8.54 -10.27 -4.87
N MET C 159 8.27 -9.47 -3.85
CA MET C 159 9.17 -9.47 -2.69
C MET C 159 8.88 -10.70 -1.84
N LEU C 160 7.62 -11.09 -1.67
CA LEU C 160 7.36 -12.36 -0.94
C LEU C 160 8.01 -13.57 -1.64
N ASP C 161 8.00 -13.58 -2.96
CA ASP C 161 8.51 -14.74 -3.73
C ASP C 161 10.03 -14.81 -3.60
N LYS C 162 10.69 -13.67 -3.77
CA LYS C 162 12.14 -13.63 -3.62
C LYS C 162 12.54 -13.93 -2.16
N TYR C 163 11.80 -13.43 -1.18
CA TYR C 163 12.04 -13.78 0.22
C TYR C 163 11.95 -15.30 0.47
N SER C 164 10.99 -15.94 -0.17
CA SER C 164 10.73 -17.36 0.09
C SER C 164 11.83 -18.23 -0.57
N VAL C 165 12.34 -17.78 -1.72
CA VAL C 165 13.53 -18.40 -2.33
C VAL C 165 14.76 -18.31 -1.40
N CYS C 166 14.99 -17.16 -0.79
CA CYS C 166 16.04 -17.02 0.23
C CYS C 166 15.78 -17.90 1.47
N ILE C 167 14.55 -17.96 1.97
CA ILE C 167 14.23 -18.89 3.05
C ILE C 167 14.62 -20.31 2.69
N GLY C 168 14.45 -20.68 1.42
CA GLY C 168 14.78 -22.02 0.91
C GLY C 168 16.23 -22.33 0.61
N GLY C 169 17.12 -21.35 0.80
CA GLY C 169 18.57 -21.50 0.62
C GLY C 169 19.08 -20.85 -0.65
N GLY C 170 18.19 -20.17 -1.39
CA GLY C 170 18.54 -19.49 -2.63
C GLY C 170 18.97 -18.04 -2.43
N GLU C 171 19.21 -17.35 -3.55
CA GLU C 171 19.73 -15.98 -3.50
C GLU C 171 19.05 -15.16 -4.59
N SER C 172 19.39 -13.88 -4.65
CA SER C 172 18.82 -12.98 -5.66
C SER C 172 19.82 -11.93 -6.15
N TYR C 173 20.00 -11.84 -7.46
CA TYR C 173 20.81 -10.77 -8.08
C TYR C 173 20.26 -9.38 -7.81
N ARG C 174 18.96 -9.23 -7.99
CA ARG C 174 18.33 -7.94 -7.85
C ARG C 174 16.84 -8.13 -7.55
N ASP C 175 16.25 -7.15 -6.91
CA ASP C 175 14.85 -7.17 -6.53
C ASP C 175 13.97 -6.79 -7.71
N ASN C 176 14.42 -5.88 -8.54
CA ASN C 176 13.60 -5.37 -9.63
C ASN C 176 14.44 -4.57 -10.60
N LEU C 177 13.84 -3.77 -11.46
CA LEU C 177 14.58 -3.08 -12.51
C LEU C 177 15.41 -1.88 -12.05
N CYS C 178 15.20 -1.43 -10.82
CA CYS C 178 15.93 -0.32 -10.24
C CYS C 178 17.28 -0.65 -9.61
N ASP C 179 17.50 -1.87 -9.12
CA ASP C 179 18.68 -2.10 -8.25
C ASP C 179 19.75 -3.03 -8.79
N GLY C 180 19.76 -3.25 -10.10
CA GLY C 180 20.89 -3.84 -10.76
C GLY C 180 20.74 -3.77 -12.27
N VAL C 181 21.86 -3.80 -12.96
CA VAL C 181 21.92 -3.82 -14.41
C VAL C 181 21.88 -5.26 -14.92
N LEU C 182 21.01 -5.49 -15.89
CA LEU C 182 20.99 -6.79 -16.57
C LEU C 182 20.55 -6.50 -17.98
N ILE C 183 21.53 -6.54 -18.90
CA ILE C 183 21.32 -6.25 -20.30
C ILE C 183 20.79 -7.52 -20.91
N LYS C 184 19.65 -7.38 -21.59
CA LYS C 184 18.85 -8.50 -22.02
C LYS C 184 18.85 -8.65 -23.51
N ASP C 185 18.42 -9.81 -23.99
CA ASP C 185 18.20 -10.05 -25.43
C ASP C 185 17.55 -8.84 -26.10
N ASN C 186 16.53 -8.30 -25.47
CA ASN C 186 15.76 -7.20 -26.10
C ASN C 186 16.46 -5.82 -26.10
N HIS C 187 17.42 -5.62 -25.21
CA HIS C 187 18.26 -4.42 -25.28
C HIS C 187 19.19 -4.50 -26.49
N ILE C 188 19.76 -5.68 -26.68
CA ILE C 188 20.76 -5.91 -27.70
C ILE C 188 20.04 -5.75 -29.04
N ALA C 189 18.82 -6.32 -29.13
CA ALA C 189 18.02 -6.20 -30.35
C ALA C 189 17.54 -4.78 -30.60
N SER C 190 17.28 -4.02 -29.54
CA SER C 190 16.86 -2.62 -29.71
C SER C 190 17.98 -1.66 -30.15
N CYS C 191 19.21 -1.85 -29.68
CA CYS C 191 20.27 -0.91 -30.07
C CYS C 191 21.13 -1.43 -31.20
N GLY C 192 21.17 -2.75 -31.38
CA GLY C 192 21.86 -3.34 -32.53
C GLY C 192 23.06 -4.21 -32.19
N SER C 193 23.66 -4.02 -31.01
CA SER C 193 24.86 -4.79 -30.67
C SER C 193 25.19 -4.81 -29.19
N ILE C 194 25.84 -5.89 -28.76
CA ILE C 194 26.30 -6.02 -27.38
C ILE C 194 27.34 -4.93 -27.03
N THR C 195 28.31 -4.71 -27.91
CA THR C 195 29.35 -3.70 -27.68
C THR C 195 28.75 -2.32 -27.50
N LEU C 196 27.78 -1.96 -28.35
CA LEU C 196 27.18 -0.61 -28.23
C LEU C 196 26.33 -0.46 -26.96
N ALA C 197 25.59 -1.50 -26.60
CA ALA C 197 24.83 -1.49 -25.34
C ALA C 197 25.74 -1.25 -24.12
N ILE C 198 26.82 -2.02 -24.01
CA ILE C 198 27.70 -1.91 -22.86
C ILE C 198 28.37 -0.52 -22.86
N GLN C 199 28.87 -0.10 -24.03
CA GLN C 199 29.47 1.24 -24.14
C GLN C 199 28.56 2.35 -23.61
N ARG C 200 27.30 2.33 -24.05
CA ARG C 200 26.31 3.36 -23.63
C ARG C 200 26.03 3.31 -22.14
N LEU C 201 25.83 2.10 -21.62
CA LEU C 201 25.57 1.94 -20.20
C LEU C 201 26.74 2.48 -19.39
N ARG C 202 27.97 2.08 -19.74
CA ARG C 202 29.16 2.55 -19.05
C ARG C 202 29.32 4.06 -19.12
N LYS C 203 28.93 4.64 -20.26
CA LYS C 203 28.99 6.08 -20.38
C LYS C 203 28.05 6.71 -19.35
N ASN C 204 26.90 6.10 -19.13
CA ASN C 204 25.87 6.68 -18.24
C ASN C 204 25.96 6.30 -16.77
N LEU C 205 26.39 5.08 -16.45
CA LEU C 205 26.49 4.62 -15.08
C LEU C 205 27.92 4.18 -14.83
N LYS C 206 28.72 5.06 -14.26
CA LYS C 206 30.14 4.81 -14.07
C LYS C 206 30.34 3.74 -12.98
N ASN C 207 31.24 2.81 -13.23
CA ASN C 207 31.49 1.73 -12.25
C ASN C 207 30.21 0.99 -11.76
N GLU C 208 29.24 0.78 -12.65
CA GLU C 208 28.10 -0.13 -12.37
C GLU C 208 28.52 -1.55 -12.70
N TYR C 209 28.15 -2.48 -11.85
CA TYR C 209 28.35 -3.89 -12.10
C TYR C 209 27.50 -4.26 -13.31
N ILE C 210 28.10 -4.93 -14.29
CA ILE C 210 27.34 -5.20 -15.54
C ILE C 210 27.14 -6.67 -15.74
N ALA C 211 25.87 -7.10 -15.75
CA ALA C 211 25.45 -8.44 -16.21
C ALA C 211 24.80 -8.38 -17.57
N ILE C 212 25.02 -9.41 -18.41
CA ILE C 212 24.43 -9.45 -19.75
C ILE C 212 23.96 -10.87 -20.12
N GLU C 213 22.78 -10.98 -20.70
CA GLU C 213 22.35 -12.30 -21.15
C GLU C 213 22.74 -12.63 -22.60
N CYS C 214 23.29 -13.82 -22.75
CA CYS C 214 23.77 -14.34 -24.00
C CYS C 214 23.02 -15.61 -24.35
N ASP C 215 22.67 -15.82 -25.61
CA ASP C 215 22.13 -17.10 -26.02
C ASP C 215 22.95 -17.88 -27.02
N ASN C 216 24.18 -17.43 -27.29
CA ASN C 216 25.13 -18.29 -28.02
C ASN C 216 26.56 -17.95 -27.65
N ILE C 217 27.49 -18.73 -28.18
CA ILE C 217 28.88 -18.58 -27.77
C ILE C 217 29.50 -17.28 -28.31
N SER C 218 29.11 -16.91 -29.52
CA SER C 218 29.53 -15.62 -30.08
C SER C 218 29.17 -14.46 -29.13
N GLN C 219 27.98 -14.46 -28.57
CA GLN C 219 27.60 -13.38 -27.63
C GLN C 219 28.35 -13.44 -26.32
N VAL C 220 28.68 -14.64 -25.86
CA VAL C 220 29.57 -14.79 -24.73
C VAL C 220 30.97 -14.21 -25.03
N GLU C 221 31.52 -14.56 -26.19
CA GLU C 221 32.84 -14.05 -26.60
C GLU C 221 32.89 -12.51 -26.63
N GLU C 222 31.83 -11.90 -27.18
CA GLU C 222 31.80 -10.44 -27.33
C GLU C 222 31.59 -9.76 -25.96
N SER C 223 30.82 -10.37 -25.08
CA SER C 223 30.62 -9.84 -23.73
C SER C 223 31.93 -9.90 -22.93
N LEU C 224 32.67 -10.99 -23.07
CA LEU C 224 33.97 -11.15 -22.43
C LEU C 224 34.95 -10.10 -22.92
N SER C 225 34.94 -9.81 -24.22
CA SER C 225 35.84 -8.82 -24.81
C SER C 225 35.59 -7.45 -24.21
N ASN C 226 34.33 -7.21 -23.84
CA ASN C 226 33.92 -5.97 -23.20
C ASN C 226 34.11 -5.97 -21.68
N ASN C 227 34.72 -7.02 -21.13
CA ASN C 227 35.03 -7.11 -19.71
C ASN C 227 33.82 -7.00 -18.76
N VAL C 228 32.69 -7.64 -19.10
CA VAL C 228 31.51 -7.61 -18.22
C VAL C 228 31.78 -8.36 -16.92
N ASP C 229 30.98 -8.08 -15.91
CA ASP C 229 31.22 -8.69 -14.61
C ASP C 229 30.52 -10.04 -14.55
N MET C 230 29.46 -10.20 -15.33
CA MET C 230 28.57 -11.35 -15.20
C MET C 230 27.90 -11.63 -16.52
N ILE C 231 27.90 -12.90 -16.88
CA ILE C 231 27.32 -13.39 -18.14
C ILE C 231 26.27 -14.45 -17.80
N LEU C 232 25.08 -14.25 -18.33
CA LEU C 232 23.97 -15.16 -18.15
C LEU C 232 23.85 -16.01 -19.41
N LEU C 233 23.76 -17.32 -19.25
CA LEU C 233 23.59 -18.24 -20.37
C LEU C 233 22.10 -18.62 -20.47
N ASP C 234 21.42 -18.13 -21.51
CA ASP C 234 19.95 -18.26 -21.61
C ASP C 234 19.61 -19.40 -22.58
N ASN C 235 19.01 -20.46 -22.06
CA ASN C 235 18.61 -21.62 -22.88
C ASN C 235 19.68 -22.21 -23.75
N MET C 236 20.85 -22.40 -23.19
CA MET C 236 21.88 -23.12 -23.92
C MET C 236 21.92 -24.60 -23.48
N SER C 237 22.50 -25.42 -24.32
CA SER C 237 22.62 -26.83 -24.07
C SER C 237 23.75 -27.06 -23.08
N ILE C 238 23.79 -28.23 -22.48
CA ILE C 238 24.90 -28.55 -21.59
C ILE C 238 26.24 -28.39 -22.34
N SER C 239 26.28 -28.80 -23.60
CA SER C 239 27.50 -28.68 -24.40
C SER C 239 27.98 -27.22 -24.55
N GLU C 240 27.07 -26.32 -24.88
CA GLU C 240 27.40 -24.89 -24.95
C GLU C 240 27.80 -24.32 -23.60
N ILE C 241 27.14 -24.78 -22.53
CA ILE C 241 27.46 -24.29 -21.21
C ILE C 241 28.90 -24.68 -20.90
N LYS C 242 29.27 -25.92 -21.20
CA LYS C 242 30.63 -26.38 -20.94
C LYS C 242 31.62 -25.58 -21.77
N LYS C 243 31.26 -25.25 -23.01
CA LYS C 243 32.16 -24.43 -23.84
C LYS C 243 32.32 -23.04 -23.27
N ALA C 244 31.24 -22.48 -22.73
CA ALA C 244 31.27 -21.14 -22.18
C ALA C 244 32.19 -21.08 -20.97
N VAL C 245 32.03 -22.03 -20.06
CA VAL C 245 32.85 -22.08 -18.86
C VAL C 245 34.32 -22.06 -19.25
N ASP C 246 34.68 -22.84 -20.27
CA ASP C 246 36.05 -22.92 -20.73
CA ASP C 246 36.07 -22.92 -20.70
C ASP C 246 36.56 -21.58 -21.27
N ILE C 247 35.76 -20.95 -22.13
CA ILE C 247 36.14 -19.68 -22.76
CA ILE C 247 36.25 -19.72 -22.74
C ILE C 247 36.23 -18.58 -21.72
N VAL C 248 35.27 -18.58 -20.79
CA VAL C 248 35.25 -17.52 -19.76
C VAL C 248 36.47 -17.65 -18.83
N ASN C 249 36.84 -18.89 -18.50
CA ASN C 249 38.03 -19.16 -17.70
C ASN C 249 38.05 -18.35 -16.38
N GLY C 250 36.92 -18.29 -15.71
CA GLY C 250 36.80 -17.56 -14.45
C GLY C 250 37.01 -16.04 -14.48
N LYS C 251 36.97 -15.44 -15.67
CA LYS C 251 37.14 -13.98 -15.83
C LYS C 251 35.82 -13.21 -15.70
N SER C 252 34.70 -13.92 -15.78
CA SER C 252 33.41 -13.33 -15.45
C SER C 252 32.62 -14.34 -14.62
N VAL C 253 31.68 -13.83 -13.83
CA VAL C 253 30.72 -14.68 -13.16
C VAL C 253 29.87 -15.31 -14.30
N LEU C 254 29.48 -16.57 -14.14
CA LEU C 254 28.62 -17.26 -15.12
C LEU C 254 27.41 -17.82 -14.44
N GLU C 255 26.25 -17.50 -15.00
CA GLU C 255 24.98 -17.94 -14.46
C GLU C 255 24.23 -18.63 -15.57
N VAL C 256 23.61 -19.77 -15.29
CA VAL C 256 22.72 -20.44 -16.25
C VAL C 256 21.32 -20.08 -15.82
N SER C 257 20.51 -19.61 -16.77
CA SER C 257 19.13 -19.24 -16.51
C SER C 257 18.21 -20.07 -17.38
N GLY C 258 17.12 -20.52 -16.76
CA GLY C 258 16.08 -21.28 -17.43
C GLY C 258 15.40 -22.19 -16.43
N CYS C 259 14.25 -22.75 -16.81
CA CYS C 259 13.52 -23.70 -15.94
CA CYS C 259 13.53 -23.68 -15.93
C CYS C 259 14.14 -25.11 -16.00
N VAL C 260 15.31 -25.26 -15.41
CA VAL C 260 15.98 -26.55 -15.29
C VAL C 260 15.07 -27.55 -14.56
N ASN C 261 15.00 -28.79 -15.04
CA ASN C 261 14.38 -29.90 -14.33
C ASN C 261 15.22 -30.27 -13.08
N ILE C 262 14.59 -30.72 -12.00
CA ILE C 262 15.34 -31.21 -10.83
C ILE C 262 16.36 -32.31 -11.19
N ARG C 263 16.03 -33.12 -12.19
CA ARG C 263 16.87 -34.26 -12.55
C ARG C 263 18.01 -33.86 -13.48
N ASN C 264 18.06 -32.60 -13.90
CA ASN C 264 19.19 -32.15 -14.72
C ASN C 264 19.98 -30.96 -14.16
N VAL C 265 19.60 -30.46 -12.98
CA VAL C 265 20.28 -29.29 -12.39
C VAL C 265 21.67 -29.64 -11.86
N ARG C 266 21.84 -30.83 -11.26
CA ARG C 266 23.18 -31.22 -10.81
C ARG C 266 24.18 -31.25 -11.96
N ASN C 267 23.77 -31.82 -13.08
CA ASN C 267 24.64 -31.88 -14.26
C ASN C 267 25.09 -30.48 -14.67
N ILE C 268 24.17 -29.53 -14.64
CA ILE C 268 24.49 -28.14 -14.96
C ILE C 268 25.48 -27.62 -13.92
N ALA C 269 25.25 -27.94 -12.63
CA ALA C 269 26.08 -27.41 -11.55
C ALA C 269 27.54 -27.87 -11.67
N LEU C 270 27.77 -29.10 -12.13
CA LEU C 270 29.12 -29.66 -12.22
C LEU C 270 29.96 -29.10 -13.38
N THR C 271 29.35 -28.34 -14.29
CA THR C 271 30.08 -27.68 -15.38
C THR C 271 31.03 -26.61 -14.84
N GLY C 272 30.73 -26.05 -13.67
CA GLY C 272 31.60 -25.00 -13.06
C GLY C 272 31.06 -23.57 -13.17
N VAL C 273 29.76 -23.45 -13.47
CA VAL C 273 29.08 -22.16 -13.42
C VAL C 273 28.95 -21.72 -11.94
N ASP C 274 28.68 -20.46 -11.69
CA ASP C 274 28.55 -19.91 -10.32
C ASP C 274 27.12 -19.92 -9.79
N TYR C 275 26.17 -19.65 -10.68
CA TYR C 275 24.77 -19.50 -10.29
C TYR C 275 23.89 -20.27 -11.27
N ILE C 276 22.76 -20.76 -10.77
CA ILE C 276 21.67 -21.17 -11.64
C ILE C 276 20.38 -20.44 -11.21
N SER C 277 19.84 -19.65 -12.14
CA SER C 277 18.59 -18.90 -11.99
CA SER C 277 18.58 -18.98 -11.88
C SER C 277 17.43 -19.73 -12.53
N ILE C 278 16.34 -19.90 -11.78
CA ILE C 278 15.27 -20.80 -12.16
C ILE C 278 13.91 -20.09 -12.04
N GLY C 279 13.24 -19.87 -13.17
CA GLY C 279 11.94 -19.19 -13.22
C GLY C 279 10.87 -20.00 -12.52
N CYS C 280 10.93 -21.31 -12.67
CA CYS C 280 9.88 -22.20 -12.19
CA CYS C 280 9.85 -22.18 -12.16
C CYS C 280 9.93 -22.50 -10.65
N ILE C 281 10.82 -21.83 -9.89
CA ILE C 281 10.72 -21.88 -8.41
C ILE C 281 9.84 -20.77 -7.81
N THR C 282 9.45 -19.78 -8.63
CA THR C 282 8.53 -18.69 -8.19
C THR C 282 7.27 -18.60 -9.09
N ASN C 283 7.17 -19.49 -10.08
CA ASN C 283 5.94 -19.71 -10.79
C ASN C 283 5.89 -21.21 -11.13
N SER C 284 4.72 -21.75 -11.40
CA SER C 284 4.61 -23.17 -11.79
C SER C 284 5.17 -24.17 -10.74
N PHE C 285 5.02 -23.87 -9.47
CA PHE C 285 5.45 -24.74 -8.38
C PHE C 285 4.19 -25.21 -7.62
N GLN C 286 4.35 -26.24 -6.81
CA GLN C 286 3.24 -26.77 -6.00
C GLN C 286 3.12 -26.07 -4.66
N ASN C 287 1.96 -25.51 -4.35
CA ASN C 287 1.66 -25.04 -3.00
C ASN C 287 1.74 -26.26 -2.07
N LYS C 288 2.17 -26.04 -0.83
CA LYS C 288 2.13 -27.08 0.19
C LYS C 288 0.76 -27.09 0.86
N ASP C 289 0.40 -28.26 1.35
CA ASP C 289 -0.87 -28.48 1.96
C ASP C 289 -0.71 -28.28 3.46
N ILE C 290 -1.44 -27.27 3.96
CA ILE C 290 -1.42 -26.81 5.35
C ILE C 290 -2.85 -26.42 5.68
N GLY C 291 -3.37 -26.81 6.84
CA GLY C 291 -4.78 -26.54 7.18
C GLY C 291 -4.98 -25.93 8.53
N LEU C 292 -6.21 -25.50 8.81
CA LEU C 292 -6.57 -24.95 10.11
C LEU C 292 -7.53 -25.93 10.78
N ASP C 293 -7.09 -26.54 11.87
CA ASP C 293 -7.84 -27.57 12.56
C ASP C 293 -8.37 -26.93 13.84
N ILE C 294 -9.66 -27.12 14.09
CA ILE C 294 -10.39 -26.51 15.19
C ILE C 294 -10.97 -27.56 16.13
N GLU C 295 -10.86 -27.35 17.43
CA GLU C 295 -11.60 -28.15 18.42
C GLU C 295 -12.58 -27.22 19.18
N LYS D 23 -11.71 -3.72 11.51
CA LYS D 23 -11.31 -2.48 12.24
C LYS D 23 -10.29 -1.67 11.43
N ILE D 24 -9.94 -0.53 12.01
CA ILE D 24 -9.03 0.43 11.35
C ILE D 24 -7.61 -0.11 11.48
N SER D 25 -6.87 -0.17 10.37
CA SER D 25 -5.47 -0.57 10.45
C SER D 25 -4.56 0.59 10.10
N PHE D 26 -3.45 0.72 10.82
CA PHE D 26 -2.44 1.74 10.56
C PHE D 26 -1.15 1.18 9.97
N SER D 27 -1.11 -0.13 9.74
CA SER D 27 0.12 -0.81 9.35
C SER D 27 0.74 -0.20 8.10
N GLU D 28 -0.06 0.15 7.09
CA GLU D 28 0.48 0.78 5.87
C GLU D 28 1.00 2.22 6.05
N ILE D 29 0.26 3.08 6.73
CA ILE D 29 0.72 4.46 6.97
C ILE D 29 2.00 4.45 7.81
N ILE D 30 2.11 3.50 8.75
CA ILE D 30 3.31 3.32 9.55
C ILE D 30 4.48 2.91 8.66
N HIS D 31 4.26 1.91 7.80
CA HIS D 31 5.33 1.47 6.91
C HIS D 31 5.83 2.61 6.02
N ASN D 32 4.89 3.40 5.47
CA ASN D 32 5.30 4.48 4.60
C ASN D 32 6.06 5.58 5.35
N ALA D 33 5.63 5.89 6.56
CA ALA D 33 6.37 6.84 7.40
C ALA D 33 7.77 6.30 7.68
N LEU D 34 7.87 5.03 8.07
CA LEU D 34 9.18 4.47 8.34
C LEU D 34 10.05 4.52 7.07
N LYS D 35 9.49 4.11 5.92
CA LYS D 35 10.28 4.04 4.69
C LYS D 35 10.79 5.42 4.25
N GLU D 36 9.95 6.44 4.39
CA GLU D 36 10.36 7.79 4.00
C GLU D 36 11.53 8.36 4.89
N ASP D 37 11.60 7.93 6.15
CA ASP D 37 12.60 8.44 7.09
C ASP D 37 13.87 7.57 7.16
N LEU D 38 13.72 6.26 6.94
CA LEU D 38 14.82 5.30 7.03
C LEU D 38 15.36 4.76 5.71
N GLY D 39 14.66 5.02 4.60
CA GLY D 39 15.04 4.57 3.26
C GLY D 39 15.69 3.19 3.19
N ASP D 40 16.80 3.11 2.45
CA ASP D 40 17.62 1.86 2.34
C ASP D 40 18.85 1.81 3.22
N LYS D 41 19.41 2.97 3.59
CA LYS D 41 20.65 3.00 4.37
C LYS D 41 20.39 2.89 5.88
N GLY D 42 19.16 3.08 6.33
CA GLY D 42 18.86 3.15 7.77
C GLY D 42 19.34 4.47 8.39
N ASP D 43 19.32 4.55 9.71
CA ASP D 43 19.66 5.76 10.43
C ASP D 43 21.19 5.85 10.56
N ILE D 44 21.86 6.55 9.64
CA ILE D 44 23.34 6.51 9.64
C ILE D 44 23.98 7.08 10.87
N THR D 45 23.31 8.05 11.46
CA THR D 45 23.81 8.71 12.68
C THR D 45 23.77 7.71 13.83
N THR D 46 22.60 7.19 14.15
CA THR D 46 22.48 6.24 15.26
C THR D 46 23.32 4.98 15.07
N ASN D 47 23.29 4.42 13.88
CA ASN D 47 23.99 3.16 13.66
C ASN D 47 25.49 3.27 13.72
N SER D 48 26.02 4.48 13.52
CA SER D 48 27.47 4.72 13.52
C SER D 48 28.00 5.08 14.90
N ILE D 49 27.08 5.32 15.85
CA ILE D 49 27.44 5.79 17.20
C ILE D 49 27.12 4.78 18.28
N LEU D 50 25.95 4.16 18.21
CA LEU D 50 25.51 3.24 19.26
C LEU D 50 25.84 1.77 19.01
N ILE D 51 26.12 1.07 20.11
CA ILE D 51 26.40 -0.34 20.07
C ILE D 51 25.35 -1.02 20.94
N ASN D 52 25.67 -1.29 22.20
CA ASN D 52 24.80 -2.08 23.08
C ASN D 52 24.16 -1.28 24.23
N GLU D 53 24.19 0.05 24.16
CA GLU D 53 23.70 0.83 25.29
C GLU D 53 22.20 0.57 25.48
N LYS D 54 21.78 0.35 26.72
CA LYS D 54 20.36 0.28 27.09
C LYS D 54 19.97 1.58 27.76
N VAL D 55 18.78 2.07 27.46
CA VAL D 55 18.24 3.28 28.09
C VAL D 55 16.83 3.11 28.61
N ASN D 56 16.53 3.87 29.68
CA ASN D 56 15.18 4.10 30.17
C ASN D 56 14.62 5.29 29.42
N PHE D 57 13.39 5.18 28.92
CA PHE D 57 12.77 6.28 28.18
C PHE D 57 11.36 6.56 28.65
N ALA D 58 10.90 7.78 28.38
CA ALA D 58 9.51 8.14 28.62
C ALA D 58 9.06 9.02 27.44
N ILE D 59 7.84 8.76 26.95
CA ILE D 59 7.17 9.64 26.00
C ILE D 59 6.32 10.57 26.87
N ASN D 60 6.73 11.83 26.98
CA ASN D 60 6.11 12.78 27.89
C ASN D 60 5.42 13.93 27.13
N THR D 61 4.20 14.25 27.52
CA THR D 61 3.52 15.46 27.04
C THR D 61 4.20 16.72 27.60
N ARG D 62 4.15 17.84 26.87
CA ARG D 62 4.63 19.14 27.37
C ARG D 62 3.48 20.13 27.59
N GLU D 63 2.24 19.66 27.50
CA GLU D 63 1.06 20.50 27.67
C GLU D 63 -0.14 19.58 27.84
N ASN D 64 -1.26 20.17 28.27
CA ASN D 64 -2.57 19.54 28.25
C ASN D 64 -2.93 18.94 26.86
N LEU D 65 -3.53 17.76 26.83
CA LEU D 65 -4.00 17.21 25.55
C LEU D 65 -4.95 16.05 25.72
N VAL D 66 -5.66 15.75 24.64
CA VAL D 66 -6.40 14.50 24.50
C VAL D 66 -5.43 13.54 23.82
N VAL D 67 -5.17 12.40 24.45
CA VAL D 67 -4.24 11.42 23.94
C VAL D 67 -4.82 10.71 22.72
N CYS D 68 -4.04 10.63 21.64
CA CYS D 68 -4.48 9.90 20.47
C CYS D 68 -3.27 9.40 19.67
N GLY D 69 -3.42 8.23 19.06
CA GLY D 69 -2.30 7.58 18.33
C GLY D 69 -1.52 6.55 19.12
N ILE D 70 -1.94 6.21 20.33
CA ILE D 70 -1.19 5.24 21.10
C ILE D 70 -1.07 3.88 20.36
N PRO D 71 -2.13 3.42 19.68
CA PRO D 71 -1.98 2.15 18.96
C PRO D 71 -0.87 2.17 17.91
N ILE D 72 -0.54 3.35 17.37
CA ILE D 72 0.54 3.43 16.41
C ILE D 72 1.89 3.22 17.04
N LEU D 73 2.13 3.90 18.16
CA LEU D 73 3.31 3.67 19.02
C LEU D 73 3.45 2.21 19.40
N GLU D 74 2.33 1.60 19.82
CA GLU D 74 2.34 0.21 20.20
C GLU D 74 2.79 -0.66 19.05
N GLU D 75 2.27 -0.38 17.85
CA GLU D 75 2.56 -1.23 16.70
C GLU D 75 4.04 -1.14 16.30
N VAL D 76 4.57 0.09 16.20
CA VAL D 76 6.00 0.31 15.89
C VAL D 76 6.92 -0.34 16.97
N PHE D 77 6.60 -0.13 18.24
CA PHE D 77 7.33 -0.75 19.33
C PHE D 77 7.27 -2.27 19.27
N ASN D 78 6.10 -2.82 18.95
CA ASN D 78 5.95 -4.25 18.79
C ASN D 78 6.79 -4.90 17.66
N MET D 79 7.27 -4.10 16.70
CA MET D 79 8.19 -4.57 15.65
C MET D 79 9.55 -4.95 16.25
N ASN D 80 9.90 -4.38 17.39
CA ASN D 80 11.19 -4.69 18.01
C ASN D 80 10.95 -5.31 19.39
N LYS D 81 10.05 -6.26 19.51
CA LYS D 81 9.69 -6.80 20.86
C LYS D 81 10.92 -7.23 21.70
N GLU D 82 11.95 -7.75 21.04
CA GLU D 82 13.19 -8.19 21.72
C GLU D 82 13.98 -7.03 22.33
N HIS D 83 13.92 -5.86 21.70
CA HIS D 83 14.79 -4.75 22.06
C HIS D 83 14.08 -3.53 22.65
N VAL D 84 12.75 -3.56 22.69
CA VAL D 84 11.94 -2.51 23.34
C VAL D 84 10.98 -3.17 24.30
N LYS D 85 11.06 -2.77 25.57
CA LYS D 85 10.16 -3.22 26.62
C LYS D 85 9.39 -1.99 27.13
N TYR D 86 8.06 -2.04 27.16
CA TYR D 86 7.31 -0.84 27.51
C TYR D 86 5.98 -1.11 28.24
N GLU D 87 5.46 -0.05 28.87
CA GLU D 87 4.16 -0.03 29.52
C GLU D 87 3.41 1.24 29.09
N ILE D 88 2.16 1.06 28.68
CA ILE D 88 1.28 2.14 28.28
C ILE D 88 0.65 2.67 29.55
N HIS D 89 0.69 3.98 29.77
CA HIS D 89 0.07 4.60 30.95
C HIS D 89 -1.20 5.37 30.64
N LYS D 90 -1.38 5.69 29.37
CA LYS D 90 -2.54 6.44 28.94
C LYS D 90 -2.91 5.82 27.62
N LYS D 91 -4.21 5.72 27.40
CA LYS D 91 -4.76 5.19 26.17
C LYS D 91 -5.50 6.32 25.42
N ASP D 92 -5.81 6.05 24.16
CA ASP D 92 -6.49 7.02 23.30
C ASP D 92 -7.79 7.45 23.94
N GLY D 93 -8.04 8.75 23.90
CA GLY D 93 -9.22 9.34 24.52
C GLY D 93 -8.98 9.84 25.95
N ASP D 94 -7.95 9.34 26.62
CA ASP D 94 -7.64 9.86 27.97
C ASP D 94 -7.32 11.35 27.84
N ILE D 95 -7.85 12.16 28.76
CA ILE D 95 -7.55 13.60 28.82
C ILE D 95 -6.45 13.76 29.85
N THR D 96 -5.32 14.32 29.47
CA THR D 96 -4.20 14.39 30.41
C THR D 96 -3.57 15.78 30.45
N GLY D 97 -2.70 15.98 31.43
CA GLY D 97 -2.10 17.29 31.69
C GLY D 97 -0.66 17.39 31.19
N LYS D 98 -0.06 18.54 31.44
CA LYS D 98 1.33 18.80 31.13
C LYS D 98 2.23 17.86 31.92
N ASN D 99 3.34 17.47 31.27
CA ASN D 99 4.39 16.63 31.89
C ASN D 99 3.85 15.29 32.31
N SER D 100 2.93 14.74 31.52
CA SER D 100 2.30 13.45 31.80
C SER D 100 3.02 12.37 31.00
N THR D 101 3.34 11.23 31.62
CA THR D 101 3.96 10.13 30.90
C THR D 101 2.91 9.22 30.26
N LEU D 102 2.92 9.16 28.93
CA LEU D 102 1.96 8.35 28.20
C LEU D 102 2.47 6.91 28.13
N VAL D 103 3.79 6.76 27.92
CA VAL D 103 4.46 5.45 27.80
C VAL D 103 5.84 5.57 28.39
N SER D 104 6.27 4.56 29.12
CA SER D 104 7.62 4.49 29.59
C SER D 104 8.19 3.09 29.36
N GLY D 105 9.51 2.96 29.45
CA GLY D 105 10.13 1.66 29.34
C GLY D 105 11.64 1.68 29.25
N GLU D 106 12.18 0.63 28.64
CA GLU D 106 13.60 0.39 28.55
C GLU D 106 13.87 -0.16 27.17
N ALA D 107 14.95 0.29 26.52
CA ALA D 107 15.23 -0.16 25.15
C ALA D 107 16.71 -0.15 24.86
N LEU D 108 17.06 -0.95 23.85
CA LEU D 108 18.36 -0.83 23.21
C LEU D 108 18.27 0.45 22.34
N ALA D 109 19.08 1.45 22.70
CA ALA D 109 19.00 2.77 22.11
C ALA D 109 19.09 2.72 20.61
N ILE D 110 19.90 1.80 20.12
CA ILE D 110 20.12 1.66 18.69
C ILE D 110 18.82 1.31 17.98
N TYR D 111 17.86 0.68 18.64
CA TYR D 111 16.56 0.37 17.99
C TYR D 111 15.49 1.46 18.23
N LEU D 112 15.64 2.23 19.30
CA LEU D 112 14.64 3.26 19.69
C LEU D 112 14.84 4.56 18.93
N LEU D 113 16.07 5.07 18.89
CA LEU D 113 16.29 6.40 18.30
C LEU D 113 15.86 6.56 16.82
N PRO D 114 16.05 5.51 15.99
CA PRO D 114 15.62 5.60 14.59
C PRO D 114 14.11 5.65 14.35
N ILE D 115 13.30 5.31 15.36
CA ILE D 115 11.83 5.38 15.23
C ILE D 115 11.21 6.52 16.05
N GLU D 116 12.02 7.23 16.83
CA GLU D 116 11.53 8.38 17.65
C GLU D 116 10.69 9.40 16.86
N ARG D 117 11.26 9.96 15.79
CA ARG D 117 10.60 11.05 15.05
C ARG D 117 9.30 10.56 14.39
N VAL D 118 9.33 9.33 13.84
CA VAL D 118 8.13 8.77 13.23
C VAL D 118 7.01 8.59 14.26
N ILE D 119 7.32 8.00 15.42
CA ILE D 119 6.33 7.80 16.43
C ILE D 119 5.77 9.14 16.92
N LEU D 120 6.65 10.09 17.20
CA LEU D 120 6.23 11.38 17.69
C LEU D 120 5.44 12.14 16.65
N ASN D 121 5.85 12.10 15.37
CA ASN D 121 5.06 12.83 14.37
C ASN D 121 3.62 12.29 14.35
N PHE D 122 3.48 10.99 14.49
CA PHE D 122 2.15 10.40 14.49
C PHE D 122 1.30 10.86 15.66
N ILE D 123 1.82 10.71 16.87
CA ILE D 123 1.04 11.00 18.07
CA ILE D 123 1.05 10.99 18.08
C ILE D 123 0.80 12.49 18.27
N GLN D 124 1.72 13.32 17.77
CA GLN D 124 1.55 14.78 17.83
C GLN D 124 0.41 15.23 16.93
N HIS D 125 0.35 14.65 15.73
CA HIS D 125 -0.67 14.91 14.73
C HIS D 125 -2.03 14.42 15.26
N ALA D 126 -2.07 13.13 15.62
CA ALA D 126 -3.31 12.50 16.11
C ALA D 126 -3.87 13.24 17.32
N SER D 127 -3.01 13.53 18.29
CA SER D 127 -3.47 14.26 19.49
C SER D 127 -3.87 15.67 19.16
N GLY D 128 -3.18 16.32 18.22
CA GLY D 128 -3.58 17.68 17.82
C GLY D 128 -5.05 17.68 17.36
N ILE D 129 -5.39 16.70 16.50
CA ILE D 129 -6.76 16.61 15.99
C ILE D 129 -7.74 16.27 17.08
N ALA D 130 -7.42 15.26 17.91
CA ALA D 130 -8.33 14.83 18.95
C ALA D 130 -8.57 15.97 19.94
N SER D 131 -7.50 16.72 20.24
CA SER D 131 -7.62 17.83 21.16
C SER D 131 -8.43 19.02 20.62
N ILE D 132 -8.24 19.40 19.34
CA ILE D 132 -9.04 20.49 18.81
C ILE D 132 -10.50 20.03 18.71
N THR D 133 -10.72 18.78 18.33
CA THR D 133 -12.11 18.28 18.24
C THR D 133 -12.83 18.40 19.58
N ARG D 134 -12.15 17.98 20.65
CA ARG D 134 -12.71 17.97 22.00
C ARG D 134 -13.05 19.36 22.46
N GLN D 135 -12.24 20.32 22.02
CA GLN D 135 -12.49 21.74 22.27
C GLN D 135 -13.84 22.19 21.72
N PHE D 136 -14.06 21.86 20.45
CA PHE D 136 -15.36 22.12 19.80
C PHE D 136 -16.51 21.33 20.44
N VAL D 137 -16.27 20.06 20.76
CA VAL D 137 -17.27 19.24 21.43
C VAL D 137 -17.73 19.87 22.76
N ASP D 138 -16.77 20.30 23.59
CA ASP D 138 -17.10 20.89 24.87
C ASP D 138 -17.88 22.20 24.73
N GLU D 139 -17.56 22.97 23.70
CA GLU D 139 -18.14 24.27 23.49
C GLU D 139 -19.60 24.20 23.04
N VAL D 140 -20.04 23.07 22.47
CA VAL D 140 -21.45 22.89 22.11
C VAL D 140 -22.15 22.00 23.13
N SER D 141 -21.49 21.75 24.27
CA SER D 141 -22.10 21.01 25.36
C SER D 141 -23.40 21.71 25.79
N GLY D 142 -24.40 20.93 26.18
CA GLY D 142 -25.70 21.49 26.55
C GLY D 142 -26.61 21.73 25.38
N THR D 143 -26.17 21.31 24.19
CA THR D 143 -27.00 21.27 22.98
C THR D 143 -26.94 19.87 22.40
N LYS D 144 -27.84 19.57 21.44
CA LYS D 144 -27.87 18.24 20.83
C LYS D 144 -26.79 17.96 19.77
N VAL D 145 -26.04 19.00 19.42
CA VAL D 145 -25.14 19.01 18.27
C VAL D 145 -24.06 17.98 18.42
N LYS D 146 -23.80 17.25 17.34
CA LYS D 146 -22.57 16.44 17.22
C LYS D 146 -21.60 17.12 16.27
N ILE D 147 -20.29 17.03 16.56
CA ILE D 147 -19.23 17.59 15.71
C ILE D 147 -18.77 16.49 14.75
N ARG D 148 -18.72 16.81 13.46
CA ARG D 148 -18.33 15.84 12.44
C ARG D 148 -17.08 16.26 11.70
N SER D 149 -16.34 15.26 11.24
CA SER D 149 -15.22 15.49 10.32
C SER D 149 -15.75 15.73 8.90
N THR D 150 -14.84 16.10 8.02
CA THR D 150 -15.09 16.23 6.60
C THR D 150 -14.12 15.31 5.88
N ARG D 151 -14.05 15.47 4.55
CA ARG D 151 -12.98 14.84 3.75
C ARG D 151 -11.78 15.78 3.51
N LYS D 152 -11.75 16.93 4.19
CA LYS D 152 -10.60 17.85 4.11
C LYS D 152 -9.64 17.43 5.19
N THR D 153 -9.08 16.25 4.93
CA THR D 153 -8.13 15.58 5.77
C THR D 153 -6.74 15.64 5.12
N THR D 154 -5.74 15.22 5.86
CA THR D 154 -4.38 15.27 5.38
C THR D 154 -4.17 14.13 4.36
N PRO D 155 -3.65 14.45 3.19
CA PRO D 155 -3.50 13.44 2.16
C PRO D 155 -2.80 12.19 2.68
N GLY D 156 -3.40 11.04 2.49
CA GLY D 156 -2.79 9.79 2.99
C GLY D 156 -3.15 9.40 4.41
N LEU D 157 -3.72 10.33 5.17
CA LEU D 157 -4.16 10.07 6.54
C LEU D 157 -5.66 10.27 6.74
N ARG D 158 -6.49 9.92 5.75
CA ARG D 158 -7.94 10.09 5.88
C ARG D 158 -8.44 9.37 7.12
N MET D 159 -8.09 8.10 7.22
CA MET D 159 -8.62 7.28 8.31
C MET D 159 -7.98 7.63 9.67
N LEU D 160 -6.68 7.90 9.75
CA LEU D 160 -6.12 8.38 11.03
C LEU D 160 -6.79 9.67 11.51
N ASP D 161 -7.03 10.59 10.58
CA ASP D 161 -7.61 11.86 10.90
C ASP D 161 -9.07 11.72 11.36
N LYS D 162 -9.88 10.96 10.63
CA LYS D 162 -11.26 10.71 11.06
C LYS D 162 -11.34 9.95 12.38
N TYR D 163 -10.49 8.93 12.55
CA TYR D 163 -10.35 8.21 13.84
C TYR D 163 -10.04 9.19 14.97
N SER D 164 -9.15 10.14 14.68
CA SER D 164 -8.74 11.06 15.74
C SER D 164 -9.85 12.02 16.15
N VAL D 165 -10.63 12.47 15.15
CA VAL D 165 -11.85 13.25 15.43
C VAL D 165 -12.81 12.45 16.33
N CYS D 166 -12.99 11.17 16.03
CA CYS D 166 -13.83 10.36 16.85
C CYS D 166 -13.26 10.18 18.28
N ILE D 167 -11.96 10.00 18.40
CA ILE D 167 -11.35 9.88 19.74
C ILE D 167 -11.63 11.16 20.53
N GLY D 168 -11.65 12.29 19.85
CA GLY D 168 -11.98 13.57 20.46
C GLY D 168 -13.43 13.90 20.73
N GLY D 169 -14.33 12.95 20.48
CA GLY D 169 -15.75 13.12 20.78
C GLY D 169 -16.60 13.49 19.58
N GLY D 170 -16.00 13.48 18.40
CA GLY D 170 -16.70 13.72 17.16
C GLY D 170 -17.15 12.44 16.46
N GLU D 171 -17.62 12.61 15.24
CA GLU D 171 -18.27 11.55 14.49
C GLU D 171 -17.97 11.77 13.02
N SER D 172 -18.37 10.84 12.18
CA SER D 172 -18.15 10.94 10.74
C SER D 172 -19.35 10.44 9.92
N TYR D 173 -19.76 11.21 8.93
CA TYR D 173 -20.84 10.77 8.04
C TYR D 173 -20.42 9.63 7.15
N ARG D 174 -19.21 9.71 6.62
CA ARG D 174 -18.71 8.66 5.70
C ARG D 174 -17.19 8.76 5.66
N ASP D 175 -16.52 7.66 5.34
CA ASP D 175 -15.05 7.59 5.29
C ASP D 175 -14.50 8.19 4.01
N ASN D 176 -15.25 8.05 2.93
CA ASN D 176 -14.78 8.46 1.62
C ASN D 176 -15.90 8.48 0.62
N LEU D 177 -15.57 8.56 -0.66
CA LEU D 177 -16.57 8.66 -1.71
C LEU D 177 -17.36 7.38 -1.96
N CYS D 178 -16.85 6.25 -1.45
CA CYS D 178 -17.51 4.95 -1.62
C CYS D 178 -18.64 4.67 -0.66
N ASP D 179 -18.61 5.20 0.56
CA ASP D 179 -19.52 4.66 1.59
C ASP D 179 -20.63 5.60 2.03
N GLY D 180 -21.01 6.53 1.17
CA GLY D 180 -22.20 7.33 1.43
C GLY D 180 -22.42 8.36 0.35
N VAL D 181 -23.69 8.71 0.16
CA VAL D 181 -24.09 9.69 -0.82
C VAL D 181 -24.02 11.10 -0.24
N LEU D 182 -23.42 11.99 -1.01
CA LEU D 182 -23.42 13.39 -0.64
C LEU D 182 -23.31 14.21 -1.91
N ILE D 183 -24.43 14.80 -2.30
CA ILE D 183 -24.58 15.55 -3.54
C ILE D 183 -24.07 16.97 -3.24
N LYS D 184 -23.11 17.42 -4.03
CA LYS D 184 -22.41 18.70 -3.81
C LYS D 184 -22.83 19.75 -4.83
N ASP D 185 -22.50 21.00 -4.50
CA ASP D 185 -22.55 22.10 -5.45
C ASP D 185 -22.14 21.67 -6.86
N ASN D 186 -21.04 20.94 -6.96
CA ASN D 186 -20.50 20.63 -8.27
C ASN D 186 -21.29 19.56 -9.02
N HIS D 187 -22.06 18.76 -8.30
CA HIS D 187 -23.00 17.85 -8.96
C HIS D 187 -24.14 18.61 -9.58
N ILE D 188 -24.67 19.55 -8.79
CA ILE D 188 -25.81 20.38 -9.15
C ILE D 188 -25.45 21.20 -10.38
N ALA D 189 -24.24 21.74 -10.35
CA ALA D 189 -23.71 22.57 -11.43
C ALA D 189 -23.46 21.75 -12.72
N SER D 190 -23.07 20.50 -12.56
CA SER D 190 -22.71 19.68 -13.71
C SER D 190 -23.95 19.17 -14.44
N CYS D 191 -25.01 18.85 -13.69
CA CYS D 191 -26.24 18.33 -14.27
C CYS D 191 -27.37 19.34 -14.38
N GLY D 192 -27.29 20.45 -13.66
CA GLY D 192 -28.20 21.59 -13.89
C GLY D 192 -29.32 21.76 -12.87
N SER D 193 -29.59 20.75 -12.05
CA SER D 193 -30.64 20.90 -11.06
C SER D 193 -30.62 19.86 -9.93
N ILE D 194 -30.97 20.32 -8.74
CA ILE D 194 -31.10 19.46 -7.58
C ILE D 194 -32.05 18.27 -7.83
N THR D 195 -33.19 18.56 -8.48
CA THR D 195 -34.25 17.57 -8.67
C THR D 195 -33.81 16.46 -9.63
N LEU D 196 -33.12 16.84 -10.71
CA LEU D 196 -32.54 15.86 -11.65
C LEU D 196 -31.49 14.97 -10.99
N ALA D 197 -30.64 15.55 -10.15
CA ALA D 197 -29.57 14.79 -9.47
C ALA D 197 -30.19 13.70 -8.60
N ILE D 198 -31.15 14.09 -7.78
CA ILE D 198 -31.78 13.17 -6.85
C ILE D 198 -32.55 12.09 -7.61
N GLN D 199 -33.26 12.48 -8.70
CA GLN D 199 -34.10 11.51 -9.43
C GLN D 199 -33.20 10.46 -10.10
N ARG D 200 -32.06 10.90 -10.63
CA ARG D 200 -31.09 9.99 -11.23
C ARG D 200 -30.44 9.09 -10.20
N LEU D 201 -30.11 9.65 -9.03
CA LEU D 201 -29.45 8.86 -7.99
C LEU D 201 -30.34 7.75 -7.49
N ARG D 202 -31.58 8.09 -7.16
CA ARG D 202 -32.62 7.11 -6.80
C ARG D 202 -32.92 6.02 -7.81
N LYS D 203 -32.81 6.35 -9.10
CA LYS D 203 -32.99 5.36 -10.13
C LYS D 203 -31.84 4.37 -10.10
N ASN D 204 -30.63 4.85 -9.79
CA ASN D 204 -29.43 4.00 -9.73
C ASN D 204 -29.12 3.37 -8.37
N LEU D 205 -29.55 3.99 -7.26
CA LEU D 205 -29.33 3.45 -5.91
C LEU D 205 -30.61 3.46 -5.06
N LYS D 206 -31.44 2.42 -5.17
CA LYS D 206 -32.67 2.37 -4.39
C LYS D 206 -32.33 2.24 -2.91
N ASN D 207 -33.22 2.75 -2.04
CA ASN D 207 -33.07 2.57 -0.60
C ASN D 207 -31.80 3.20 -0.01
N GLU D 208 -31.24 4.20 -0.71
CA GLU D 208 -29.95 4.81 -0.34
C GLU D 208 -30.20 6.11 0.45
N TYR D 209 -29.47 6.28 1.54
CA TYR D 209 -29.54 7.50 2.36
C TYR D 209 -28.98 8.66 1.52
N ILE D 210 -29.73 9.76 1.45
CA ILE D 210 -29.36 10.89 0.60
C ILE D 210 -29.10 12.15 1.41
N ALA D 211 -27.87 12.67 1.30
CA ALA D 211 -27.49 13.97 1.83
C ALA D 211 -27.16 14.91 0.67
N ILE D 212 -27.43 16.19 0.83
CA ILE D 212 -27.18 17.16 -0.24
C ILE D 212 -26.68 18.47 0.34
N GLU D 213 -25.69 19.10 -0.31
CA GLU D 213 -25.21 20.43 0.07
C GLU D 213 -26.04 21.52 -0.58
N CYS D 214 -26.51 22.45 0.26
CA CYS D 214 -27.25 23.63 -0.16
C CYS D 214 -26.47 24.86 0.26
N ASP D 215 -26.37 25.87 -0.60
CA ASP D 215 -25.84 27.14 -0.12
C ASP D 215 -26.81 28.33 -0.21
N ASN D 216 -28.08 28.07 -0.45
CA ASN D 216 -29.12 29.08 -0.18
C ASN D 216 -30.44 28.42 0.17
N ILE D 217 -31.39 29.25 0.57
CA ILE D 217 -32.69 28.78 1.03
C ILE D 217 -33.48 28.11 -0.08
N SER D 218 -33.42 28.62 -1.31
CA SER D 218 -34.09 27.96 -2.46
C SER D 218 -33.70 26.52 -2.63
N GLN D 219 -32.40 26.24 -2.46
CA GLN D 219 -31.86 24.89 -2.54
C GLN D 219 -32.34 24.02 -1.35
N VAL D 220 -32.37 24.57 -0.13
CA VAL D 220 -32.99 23.88 1.02
C VAL D 220 -34.46 23.53 0.69
N GLU D 221 -35.23 24.50 0.17
CA GLU D 221 -36.65 24.25 -0.22
C GLU D 221 -36.80 23.13 -1.28
N GLU D 222 -35.93 23.14 -2.28
CA GLU D 222 -35.97 22.12 -3.32
C GLU D 222 -35.54 20.76 -2.80
N SER D 223 -34.57 20.72 -1.89
CA SER D 223 -34.12 19.44 -1.29
C SER D 223 -35.23 18.80 -0.49
N LEU D 224 -35.95 19.63 0.25
CA LEU D 224 -37.07 19.17 1.04
C LEU D 224 -38.18 18.55 0.19
N SER D 225 -38.56 19.19 -0.92
CA SER D 225 -39.59 18.66 -1.85
C SER D 225 -39.29 17.25 -2.30
N ASN D 226 -37.98 16.97 -2.41
CA ASN D 226 -37.46 15.69 -2.85
C ASN D 226 -37.28 14.69 -1.71
N ASN D 227 -37.70 15.09 -0.50
CA ASN D 227 -37.65 14.25 0.70
C ASN D 227 -36.25 13.68 0.94
N VAL D 228 -35.21 14.52 0.93
CA VAL D 228 -33.86 14.03 1.22
C VAL D 228 -33.77 13.66 2.69
N ASP D 229 -32.79 12.84 3.06
CA ASP D 229 -32.59 12.48 4.48
C ASP D 229 -31.80 13.53 5.26
N MET D 230 -30.87 14.22 4.58
CA MET D 230 -29.93 15.11 5.25
C MET D 230 -29.59 16.31 4.35
N ILE D 231 -29.52 17.48 4.97
CA ILE D 231 -29.24 18.73 4.27
C ILE D 231 -28.06 19.39 4.95
N LEU D 232 -27.02 19.69 4.16
CA LEU D 232 -25.89 20.49 4.63
C LEU D 232 -26.05 21.94 4.21
N LEU D 233 -25.84 22.85 5.15
CA LEU D 233 -25.90 24.27 4.88
C LEU D 233 -24.43 24.70 4.76
N ASP D 234 -24.04 25.09 3.54
CA ASP D 234 -22.66 25.43 3.24
CA ASP D 234 -22.65 25.44 3.24
C ASP D 234 -22.44 26.95 3.26
N ASN D 235 -21.57 27.42 4.15
CA ASN D 235 -21.23 28.84 4.21
C ASN D 235 -22.44 29.74 4.20
N MET D 236 -23.42 29.41 5.01
CA MET D 236 -24.54 30.30 5.20
C MET D 236 -24.33 31.11 6.50
N SER D 237 -24.96 32.27 6.52
CA SER D 237 -24.93 33.18 7.67
C SER D 237 -25.83 32.65 8.76
N ILE D 238 -25.59 33.12 9.98
CA ILE D 238 -26.34 32.62 11.11
C ILE D 238 -27.84 32.87 10.87
N SER D 239 -28.19 34.02 10.30
CA SER D 239 -29.56 34.32 9.89
C SER D 239 -30.18 33.27 8.94
N GLU D 240 -29.43 32.87 7.91
CA GLU D 240 -29.91 31.88 6.95
C GLU D 240 -30.11 30.51 7.58
N ILE D 241 -29.24 30.19 8.52
CA ILE D 241 -29.27 28.90 9.22
C ILE D 241 -30.52 28.81 10.06
N LYS D 242 -30.80 29.85 10.84
CA LYS D 242 -32.04 29.90 11.64
C LYS D 242 -33.29 29.75 10.76
N LYS D 243 -33.26 30.41 9.61
CA LYS D 243 -34.33 30.29 8.62
C LYS D 243 -34.45 28.84 8.12
N ALA D 244 -33.31 28.25 7.75
CA ALA D 244 -33.27 26.87 7.26
C ALA D 244 -33.88 25.93 8.28
N VAL D 245 -33.53 26.11 9.56
CA VAL D 245 -34.06 25.29 10.66
C VAL D 245 -35.59 25.41 10.77
N ASP D 246 -36.09 26.64 10.62
CA ASP D 246 -37.54 26.90 10.69
CA ASP D 246 -37.54 26.90 10.68
C ASP D 246 -38.24 26.24 9.52
N ILE D 247 -37.65 26.39 8.33
CA ILE D 247 -38.18 25.80 7.10
C ILE D 247 -38.11 24.28 7.11
N VAL D 248 -36.97 23.73 7.52
CA VAL D 248 -36.82 22.28 7.59
C VAL D 248 -37.84 21.62 8.56
N ASN D 249 -38.09 22.23 9.71
CA ASN D 249 -39.16 21.79 10.59
C ASN D 249 -38.99 20.32 11.01
N GLY D 250 -37.78 19.95 11.40
CA GLY D 250 -37.44 18.56 11.70
C GLY D 250 -37.66 17.48 10.65
N LYS D 251 -37.96 17.82 9.40
CA LYS D 251 -38.26 16.82 8.37
C LYS D 251 -37.01 16.15 7.82
N SER D 252 -35.85 16.75 8.07
CA SER D 252 -34.61 16.21 7.57
C SER D 252 -33.52 16.52 8.59
N VAL D 253 -32.47 15.72 8.56
CA VAL D 253 -31.28 16.00 9.36
C VAL D 253 -30.67 17.29 8.85
N LEU D 254 -30.16 18.12 9.74
CA LEU D 254 -29.58 19.41 9.35
C LEU D 254 -28.16 19.52 9.89
N GLU D 255 -27.24 19.85 8.98
CA GLU D 255 -25.82 19.94 9.30
C GLU D 255 -25.27 21.27 8.80
N VAL D 256 -24.48 21.95 9.62
CA VAL D 256 -23.80 23.15 9.18
C VAL D 256 -22.37 22.77 8.89
N SER D 257 -21.83 23.33 7.83
CA SER D 257 -20.54 22.95 7.33
C SER D 257 -19.66 24.14 6.99
N GLY D 258 -18.47 24.19 7.57
CA GLY D 258 -17.45 25.20 7.26
C GLY D 258 -16.43 25.26 8.38
N CYS D 259 -15.38 26.06 8.21
CA CYS D 259 -14.43 26.32 9.29
CA CYS D 259 -14.43 26.32 9.28
C CYS D 259 -15.03 27.35 10.24
N VAL D 260 -15.51 26.90 11.38
CA VAL D 260 -16.15 27.76 12.35
C VAL D 260 -15.16 28.11 13.44
N ASN D 261 -15.04 29.39 13.77
CA ASN D 261 -14.25 29.79 14.89
C ASN D 261 -14.79 29.08 16.13
N ILE D 262 -13.91 28.73 17.06
CA ILE D 262 -14.32 28.24 18.36
C ILE D 262 -15.21 29.27 19.10
N ARG D 263 -14.97 30.56 18.86
CA ARG D 263 -15.75 31.63 19.50
C ARG D 263 -17.17 31.78 18.92
N ASN D 264 -17.41 31.21 17.73
CA ASN D 264 -18.75 31.23 17.14
C ASN D 264 -19.51 29.90 17.11
N VAL D 265 -18.85 28.78 17.43
CA VAL D 265 -19.48 27.48 17.20
C VAL D 265 -20.76 27.28 17.99
N ARG D 266 -20.81 27.80 19.21
CA ARG D 266 -21.97 27.60 20.10
C ARG D 266 -23.23 28.28 19.61
N ASN D 267 -23.09 29.48 19.06
CA ASN D 267 -24.24 30.19 18.54
C ASN D 267 -24.86 29.40 17.38
N ILE D 268 -24.03 28.75 16.57
CA ILE D 268 -24.54 27.87 15.52
C ILE D 268 -25.29 26.66 16.11
N ALA D 269 -24.70 26.03 17.12
CA ALA D 269 -25.33 24.92 17.85
C ALA D 269 -26.65 25.29 18.51
N LEU D 270 -26.78 26.54 18.98
CA LEU D 270 -28.05 26.96 19.61
C LEU D 270 -29.23 27.10 18.63
N THR D 271 -28.93 27.16 17.33
CA THR D 271 -29.97 27.35 16.30
C THR D 271 -30.95 26.17 16.24
N GLY D 272 -30.43 24.97 16.46
CA GLY D 272 -31.27 23.77 16.41
C GLY D 272 -30.78 22.73 15.42
N VAL D 273 -29.71 23.04 14.69
CA VAL D 273 -29.18 22.10 13.75
C VAL D 273 -28.63 20.84 14.51
N ASP D 274 -28.51 19.73 13.81
CA ASP D 274 -28.15 18.45 14.38
C ASP D 274 -26.65 18.20 14.43
N TYR D 275 -25.93 18.62 13.38
CA TYR D 275 -24.50 18.39 13.22
C TYR D 275 -23.79 19.68 12.77
N ILE D 276 -22.52 19.81 13.16
CA ILE D 276 -21.62 20.80 12.60
C ILE D 276 -20.35 20.07 12.15
N SER D 277 -20.08 20.08 10.84
CA SER D 277 -18.84 19.52 10.30
C SER D 277 -17.86 20.62 10.03
N ILE D 278 -16.61 20.39 10.44
CA ILE D 278 -15.59 21.42 10.48
C ILE D 278 -14.35 20.90 9.77
N GLY D 279 -14.03 21.52 8.63
CA GLY D 279 -12.79 21.24 7.90
C GLY D 279 -11.54 21.41 8.75
N CYS D 280 -11.49 22.47 9.54
CA CYS D 280 -10.25 22.85 10.23
CA CYS D 280 -10.27 22.86 10.25
C CYS D 280 -9.93 22.06 11.53
N ILE D 281 -10.65 20.99 11.82
CA ILE D 281 -10.21 20.09 12.91
C ILE D 281 -9.33 18.96 12.35
N THR D 282 -9.25 18.86 11.01
CA THR D 282 -8.37 17.91 10.35
C THR D 282 -7.35 18.52 9.37
N ASN D 283 -7.36 19.83 9.24
CA ASN D 283 -6.28 20.53 8.59
C ASN D 283 -6.21 21.85 9.35
N SER D 284 -5.09 22.55 9.33
CA SER D 284 -5.01 23.86 10.01
C SER D 284 -5.19 23.85 11.53
N PHE D 285 -4.74 22.78 12.18
CA PHE D 285 -4.82 22.61 13.62
C PHE D 285 -3.41 22.58 14.19
N GLN D 286 -3.27 22.82 15.49
CA GLN D 286 -1.98 22.78 16.15
C GLN D 286 -1.64 21.39 16.57
N ASN D 287 -0.51 20.88 16.11
CA ASN D 287 0.09 19.67 16.66
C ASN D 287 0.32 19.85 18.16
N LYS D 288 0.13 18.79 18.93
CA LYS D 288 0.48 18.83 20.34
C LYS D 288 1.97 18.56 20.54
N ASP D 289 2.53 19.20 21.57
CA ASP D 289 3.92 19.03 21.93
C ASP D 289 4.12 17.81 22.84
N ILE D 290 4.82 16.80 22.32
CA ILE D 290 5.11 15.53 23.03
C ILE D 290 6.51 15.13 22.63
N GLY D 291 7.30 14.68 23.59
CA GLY D 291 8.71 14.36 23.38
C GLY D 291 9.13 13.02 23.94
N LEU D 292 10.32 12.59 23.53
CA LEU D 292 10.96 11.37 24.04
C LEU D 292 12.16 11.74 24.90
N ASP D 293 12.04 11.53 26.21
CA ASP D 293 13.10 11.88 27.17
C ASP D 293 13.89 10.61 27.48
N ILE D 294 15.22 10.69 27.44
CA ILE D 294 16.04 9.51 27.68
C ILE D 294 16.78 9.68 28.97
N GLU D 295 16.69 8.65 29.81
CA GLU D 295 17.51 8.55 30.99
C GLU D 295 18.69 7.63 30.71
N TYR D 296 19.89 8.21 30.66
CA TYR D 296 20.13 9.65 30.91
C TYR D 296 21.61 9.81 31.19
C1 EDO E . -16.62 -23.97 -3.21
O1 EDO E . -15.48 -23.53 -3.93
C2 EDO E . -17.81 -23.14 -3.68
O2 EDO E . -18.12 -23.46 -5.05
C FMT F . -15.27 -20.91 -1.54
O1 FMT F . -15.96 -20.10 -2.16
O2 FMT F . -14.92 -20.70 -0.38
C1 EDO G . 17.41 20.73 11.64
O1 EDO G . 16.14 20.48 11.04
C2 EDO G . 18.48 20.42 10.59
O2 EDO G . 18.62 21.48 9.65
C FMT H . 16.34 16.97 11.04
O1 FMT H . 16.91 16.89 9.95
O2 FMT H . 16.41 16.07 11.88
C1 EDO I . 18.74 -13.52 -13.65
O1 EDO I . 17.44 -13.69 -13.09
C2 EDO I . 19.65 -12.79 -12.66
O2 EDO I . 20.13 -13.65 -11.61
C FMT J . 16.01 -10.56 -13.60
O1 FMT J . 16.59 -10.01 -12.66
O2 FMT J . 15.62 -9.96 -14.60
C1 EDO K . -19.87 16.66 5.39
O1 EDO K . -18.50 16.52 5.73
C2 EDO K . -20.57 15.40 5.91
O2 EDO K . -20.82 15.46 7.32
C FMT L . -17.53 14.74 2.84
O1 FMT L . -17.83 13.61 3.28
O2 FMT L . -17.41 15.01 1.64
#